data_8TZV
#
_entry.id   8TZV
#
_cell.length_a   1.00
_cell.length_b   1.00
_cell.length_c   1.00
_cell.angle_alpha   90.00
_cell.angle_beta   90.00
_cell.angle_gamma   90.00
#
_symmetry.space_group_name_H-M   'P 1'
#
loop_
_entity.id
_entity.type
_entity.pdbx_description
1 polymer 'Isoform ATE1-2 of Arginyl-tRNA--protein transferase 1'
2 non-polymer 'ZINC ION'
#
_entity_poly.entity_id   1
_entity_poly.type   'polypeptide(L)'
_entity_poly.pdbx_seq_one_letter_code
;GPAFWAGGSPSVVDYFPSEDFYRCGYCKNESGSRSNGMWAHSMTVQDYQDLIDRGWRRSGKYVYKPVMNQTCCPQYTIRC
RPLQFQPSKSHKKVLKKMLKFLAKGEVPKGSCEDEPMDSTMDDAVAGDFALINKLDIQCDLKTLSDDIKESLESEGKNSK
KEEPQELLQSQDFVGEKLGSGEPSHSVKVHTVPKPGKGADLSKPPCRKAKEIRKERKRLKLMQQNPAGELEGFQAQGHPP
SLFPPKAKSNQPKSLEDLIFESLPENASHKLEVRLVPVSFEDPEFKSSFSQSFSLYVKYQVAIHQDPPDECGKTEFTRFL
CSSPLEAETPPNGPDCGYGSFHQQYWLDGKIIAVGVIDILPNCVSSVYLYYDPDYSFLSLGVYSALREIAFTRQLHEKTS
QLSYYYMGFYIHSCPKMKYKGQYRPSDLLCPETYVWVPIEQCLPSLENSKYCRFNQDPEAVDEDRSTEPDRLQVFHKRAI
MPYGVYKKQQKDPSEEAAVLQYASLVGQKCSERMLLFRN
;
_entity_poly.pdbx_strand_id   A,B
#
# COMPACT_ATOMS: atom_id res chain seq x y z
N GLY A 8 12.79 9.60 12.28
CA GLY A 8 11.59 8.80 12.16
C GLY A 8 10.74 9.15 10.95
N SER A 9 9.75 8.30 10.67
CA SER A 9 8.86 8.51 9.54
C SER A 9 7.43 8.70 10.04
N PRO A 10 6.70 9.70 9.53
CA PRO A 10 5.32 9.92 9.99
C PRO A 10 4.39 8.79 9.58
N SER A 11 3.16 8.82 10.08
CA SER A 11 2.16 7.80 9.80
C SER A 11 1.14 8.34 8.82
N VAL A 12 0.89 7.59 7.75
CA VAL A 12 -0.08 7.96 6.72
C VAL A 12 -1.15 6.88 6.67
N VAL A 13 -2.40 7.27 6.91
CA VAL A 13 -3.54 6.37 6.85
C VAL A 13 -4.69 7.08 6.14
N ASP A 14 -5.65 6.29 5.66
CA ASP A 14 -6.85 6.80 5.03
C ASP A 14 -8.07 6.22 5.75
N TYR A 15 -9.07 7.06 5.99
CA TYR A 15 -10.25 6.68 6.75
C TYR A 15 -11.40 6.38 5.81
N PHE A 16 -12.07 5.24 6.04
CA PHE A 16 -13.26 4.85 5.30
C PHE A 16 -14.46 4.88 6.22
N PRO A 17 -15.53 5.60 5.88
CA PRO A 17 -16.71 5.63 6.78
C PRO A 17 -17.28 4.26 7.07
N SER A 18 -17.34 3.38 6.06
CA SER A 18 -17.81 2.00 6.21
C SER A 18 -19.15 1.93 6.96
N GLU A 19 -20.16 2.55 6.35
CA GLU A 19 -21.49 2.59 6.92
C GLU A 19 -22.35 1.41 6.49
N ASP A 20 -21.74 0.33 6.03
CA ASP A 20 -22.45 -0.86 5.56
C ASP A 20 -22.21 -2.02 6.50
N PHE A 21 -23.26 -2.82 6.74
CA PHE A 21 -23.14 -3.98 7.59
C PHE A 21 -22.33 -5.08 6.91
N TYR A 22 -21.76 -5.95 7.73
CA TYR A 22 -20.98 -7.08 7.25
C TYR A 22 -21.44 -8.35 7.95
N ARG A 23 -21.28 -9.48 7.27
CA ARG A 23 -21.69 -10.77 7.82
C ARG A 23 -20.74 -11.17 8.94
N CYS A 24 -21.28 -11.33 10.15
CA CYS A 24 -20.46 -11.71 11.29
C CYS A 24 -20.04 -13.18 11.17
N GLY A 25 -18.76 -13.44 11.41
CA GLY A 25 -18.24 -14.79 11.37
C GLY A 25 -18.48 -15.61 12.62
N TYR A 26 -19.07 -15.01 13.65
CA TYR A 26 -19.35 -15.69 14.91
C TYR A 26 -20.84 -15.86 15.17
N CYS A 27 -21.61 -14.78 15.11
CA CYS A 27 -23.05 -14.86 15.31
C CYS A 27 -23.79 -15.35 14.07
N LYS A 28 -23.13 -15.35 12.91
CA LYS A 28 -23.71 -15.84 11.66
C LYS A 28 -25.00 -15.08 11.31
N ASN A 29 -24.85 -13.78 11.15
CA ASN A 29 -25.96 -12.90 10.78
C ASN A 29 -25.52 -11.98 9.65
N GLU A 30 -26.44 -11.71 8.73
CA GLU A 30 -26.13 -10.81 7.62
C GLU A 30 -25.83 -9.41 8.12
N SER A 31 -26.64 -8.90 9.05
CA SER A 31 -26.41 -7.61 9.69
C SER A 31 -25.69 -7.80 11.02
N GLY A 32 -24.50 -8.39 10.93
CA GLY A 32 -23.74 -8.75 12.12
C GLY A 32 -22.61 -7.79 12.45
N SER A 33 -21.40 -8.16 12.07
CA SER A 33 -20.22 -7.37 12.42
C SER A 33 -20.28 -6.00 11.77
N ARG A 34 -20.41 -4.96 12.59
CA ARG A 34 -20.39 -3.57 12.15
C ARG A 34 -19.19 -2.87 12.77
N SER A 35 -18.44 -2.15 11.95
CA SER A 35 -17.23 -1.50 12.42
C SER A 35 -16.95 -0.26 11.56
N ASN A 36 -16.15 0.63 12.12
CA ASN A 36 -15.63 1.79 11.40
C ASN A 36 -14.21 1.49 10.96
N GLY A 37 -13.95 1.57 9.66
CA GLY A 37 -12.70 1.12 9.09
C GLY A 37 -11.79 2.25 8.63
N MET A 38 -10.57 1.85 8.28
CA MET A 38 -9.57 2.74 7.73
C MET A 38 -8.56 1.91 6.96
N TRP A 39 -7.92 2.55 5.97
CA TRP A 39 -6.89 1.90 5.17
C TRP A 39 -5.55 2.48 5.57
N ALA A 40 -4.75 1.69 6.28
CA ALA A 40 -3.45 2.16 6.77
C ALA A 40 -2.41 1.98 5.67
N HIS A 41 -1.87 3.11 5.19
CA HIS A 41 -0.81 3.04 4.19
C HIS A 41 0.52 2.68 4.83
N SER A 42 0.92 3.41 5.86
CA SER A 42 2.16 3.11 6.58
C SER A 42 2.11 3.77 7.94
N MET A 43 2.08 2.97 9.01
CA MET A 43 2.01 3.49 10.36
C MET A 43 3.12 2.87 11.20
N THR A 44 3.56 3.63 12.20
CA THR A 44 4.58 3.15 13.13
C THR A 44 3.95 2.18 14.14
N VAL A 45 4.82 1.40 14.78
CA VAL A 45 4.35 0.42 15.76
C VAL A 45 3.74 1.09 16.97
N GLN A 46 4.27 2.23 17.39
CA GLN A 46 3.71 2.95 18.53
C GLN A 46 2.29 3.43 18.24
N ASP A 47 2.06 3.95 17.03
CA ASP A 47 0.72 4.39 16.66
C ASP A 47 -0.24 3.21 16.62
N TYR A 48 0.20 2.06 16.08
CA TYR A 48 -0.66 0.88 16.05
C TYR A 48 -0.99 0.41 17.46
N GLN A 49 0.00 0.43 18.36
CA GLN A 49 -0.26 0.02 19.74
C GLN A 49 -1.26 0.97 20.41
N ASP A 50 -1.08 2.28 20.20
CA ASP A 50 -2.02 3.23 20.78
C ASP A 50 -3.42 3.08 20.20
N LEU A 51 -3.53 2.73 18.92
CA LEU A 51 -4.84 2.53 18.31
C LEU A 51 -5.51 1.28 18.87
N ILE A 52 -4.78 0.16 18.92
CA ILE A 52 -5.38 -1.07 19.44
C ILE A 52 -5.66 -0.97 20.93
N ASP A 53 -5.00 -0.04 21.64
CA ASP A 53 -5.41 0.26 23.01
C ASP A 53 -6.81 0.86 23.05
N ARG A 54 -7.31 1.38 21.94
CA ARG A 54 -8.66 1.93 21.85
C ARG A 54 -9.64 0.97 21.20
N GLY A 55 -9.24 -0.28 20.96
CA GLY A 55 -10.12 -1.28 20.41
C GLY A 55 -9.96 -1.56 18.92
N TRP A 56 -8.98 -0.96 18.27
CA TRP A 56 -8.76 -1.21 16.85
C TRP A 56 -8.18 -2.61 16.63
N ARG A 57 -8.52 -3.20 15.48
CA ARG A 57 -8.04 -4.51 15.09
C ARG A 57 -7.54 -4.47 13.66
N ARG A 58 -6.42 -5.15 13.41
CA ARG A 58 -5.76 -5.15 12.11
C ARG A 58 -6.17 -6.38 11.31
N SER A 59 -6.51 -6.18 10.05
CA SER A 59 -6.78 -7.24 9.09
C SER A 59 -5.91 -7.05 7.86
N GLY A 60 -4.63 -6.80 8.08
CA GLY A 60 -3.71 -6.45 7.02
C GLY A 60 -3.46 -4.95 6.98
N LYS A 61 -3.49 -4.37 5.78
CA LYS A 61 -3.39 -2.91 5.66
C LYS A 61 -4.69 -2.22 6.05
N TYR A 62 -5.77 -2.96 6.28
CA TYR A 62 -7.06 -2.42 6.66
C TYR A 62 -7.27 -2.63 8.16
N VAL A 63 -7.53 -1.53 8.87
CA VAL A 63 -7.78 -1.57 10.31
C VAL A 63 -9.25 -1.22 10.53
N TYR A 64 -9.80 -1.73 11.64
CA TYR A 64 -11.21 -1.47 11.92
C TYR A 64 -11.46 -1.46 13.42
N LYS A 65 -12.31 -0.53 13.86
CA LYS A 65 -12.77 -0.50 15.24
C LYS A 65 -14.22 -0.95 15.28
N PRO A 66 -14.53 -2.07 15.93
CA PRO A 66 -15.91 -2.54 15.99
C PRO A 66 -16.82 -1.56 16.71
N VAL A 67 -18.06 -1.46 16.24
CA VAL A 67 -19.07 -0.64 16.89
C VAL A 67 -19.70 -1.46 18.00
N MET A 68 -19.21 -1.30 19.22
CA MET A 68 -19.68 -2.13 20.33
C MET A 68 -21.15 -1.89 20.64
N ASN A 69 -21.66 -0.69 20.34
CA ASN A 69 -23.05 -0.37 20.63
C ASN A 69 -24.03 -0.91 19.59
N GLN A 70 -23.53 -1.39 18.44
CA GLN A 70 -24.41 -1.88 17.38
C GLN A 70 -24.08 -3.30 16.93
N THR A 71 -22.87 -3.80 17.19
CA THR A 71 -22.52 -5.14 16.77
C THR A 71 -23.33 -6.18 17.54
N CYS A 72 -23.82 -7.19 16.82
CA CYS A 72 -24.59 -8.25 17.47
C CYS A 72 -23.73 -9.07 18.42
N CYS A 73 -22.43 -9.23 18.11
CA CYS A 73 -21.48 -9.97 18.94
C CYS A 73 -20.35 -9.02 19.31
N PRO A 74 -20.44 -8.33 20.44
CA PRO A 74 -19.39 -7.39 20.83
C PRO A 74 -18.05 -8.09 21.02
N GLN A 75 -16.98 -7.42 20.62
CA GLN A 75 -15.63 -7.94 20.69
C GLN A 75 -14.81 -7.07 21.64
N TYR A 76 -14.18 -7.69 22.62
CA TYR A 76 -13.40 -6.99 23.64
C TYR A 76 -11.95 -7.45 23.57
N THR A 77 -11.03 -6.50 23.52
CA THR A 77 -9.62 -6.83 23.53
C THR A 77 -9.20 -7.30 24.91
N ILE A 78 -8.51 -8.45 24.96
CA ILE A 78 -8.09 -9.06 26.22
C ILE A 78 -6.59 -9.28 26.16
N ARG A 79 -5.89 -8.89 27.23
CA ARG A 79 -4.45 -9.05 27.34
C ARG A 79 -4.13 -9.91 28.56
N CYS A 80 -2.90 -10.42 28.58
CA CYS A 80 -2.42 -11.23 29.69
C CYS A 80 -0.99 -10.81 30.00
N ARG A 81 -0.52 -11.22 31.19
CA ARG A 81 0.81 -10.85 31.70
C ARG A 81 1.67 -12.11 31.71
N PRO A 82 2.54 -12.29 30.71
CA PRO A 82 3.36 -13.52 30.68
C PRO A 82 4.25 -13.70 31.88
N LEU A 83 4.77 -12.62 32.45
CA LEU A 83 5.62 -12.74 33.64
C LEU A 83 4.84 -13.27 34.83
N GLN A 84 3.60 -12.80 35.01
CA GLN A 84 2.76 -13.22 36.12
C GLN A 84 1.79 -14.33 35.75
N PHE A 85 1.83 -14.82 34.51
CA PHE A 85 0.90 -15.84 34.08
C PHE A 85 1.16 -17.16 34.80
N GLN A 86 0.08 -17.83 35.19
CA GLN A 86 0.15 -19.14 35.84
C GLN A 86 -0.66 -20.11 35.01
N PRO A 87 -0.04 -21.12 34.40
CA PRO A 87 -0.79 -22.07 33.58
C PRO A 87 -1.76 -22.88 34.42
N SER A 88 -2.90 -23.23 33.81
CA SER A 88 -3.92 -24.02 34.47
C SER A 88 -3.65 -25.51 34.27
N LYS A 89 -4.55 -26.35 34.78
CA LYS A 89 -4.38 -27.79 34.64
C LYS A 89 -4.45 -28.21 33.17
N SER A 90 -5.41 -27.66 32.41
CA SER A 90 -5.52 -28.01 31.01
C SER A 90 -4.31 -27.56 30.22
N HIS A 91 -3.82 -26.34 30.49
CA HIS A 91 -2.63 -25.85 29.80
C HIS A 91 -1.41 -26.68 30.14
N LYS A 92 -1.27 -27.07 31.41
CA LYS A 92 -0.14 -27.91 31.80
C LYS A 92 -0.22 -29.27 31.14
N LYS A 93 -1.41 -29.85 31.06
CA LYS A 93 -1.57 -31.13 30.37
C LYS A 93 -1.22 -31.01 28.89
N VAL A 94 -1.66 -29.93 28.25
CA VAL A 94 -1.34 -29.73 26.83
C VAL A 94 0.17 -29.59 26.64
N LEU A 95 0.83 -28.83 27.51
CA LEU A 95 2.27 -28.67 27.43
C LEU A 95 3.00 -29.99 27.63
N LYS A 96 2.54 -30.80 28.60
CA LYS A 96 3.16 -32.10 28.84
C LYS A 96 2.98 -33.02 27.64
N LYS A 97 1.78 -33.04 27.05
CA LYS A 97 1.53 -33.86 25.88
C LYS A 97 2.40 -33.44 24.71
N MET A 98 2.53 -32.12 24.50
CA MET A 98 3.38 -31.64 23.42
C MET A 98 4.84 -31.99 23.66
N LEU A 99 5.31 -31.87 24.91
CA LEU A 99 6.68 -32.22 25.22
C LEU A 99 6.94 -33.71 24.99
N LYS A 100 5.97 -34.55 25.36
CA LYS A 100 6.10 -35.98 25.06
C LYS A 100 6.14 -36.22 23.56
N PHE A 101 5.28 -35.53 22.80
CA PHE A 101 5.29 -35.67 21.34
C PHE A 101 6.59 -35.17 20.74
N LEU A 102 7.10 -34.03 21.22
CA LEU A 102 8.34 -33.46 20.69
C LEU A 102 9.57 -34.26 21.09
N ALA A 103 9.44 -35.18 22.05
CA ALA A 103 10.57 -36.01 22.45
C ALA A 103 10.89 -37.02 21.35
N LYS A 104 11.97 -37.78 21.56
CA LYS A 104 12.38 -38.78 20.58
C LYS A 104 11.32 -39.87 20.44
N GLY A 105 10.74 -40.31 21.55
CA GLY A 105 9.71 -41.34 21.52
C GLY A 105 8.30 -40.78 21.66
N LYS A 270 13.25 -31.31 17.73
CA LYS A 270 12.39 -31.79 16.65
C LYS A 270 11.56 -30.65 16.07
N LEU A 271 11.22 -29.69 16.93
CA LEU A 271 10.43 -28.53 16.52
C LEU A 271 11.23 -27.27 16.79
N GLU A 272 11.21 -26.35 15.83
CA GLU A 272 11.92 -25.09 15.94
C GLU A 272 10.95 -23.94 15.69
N VAL A 273 11.04 -22.90 16.51
CA VAL A 273 10.22 -21.71 16.38
C VAL A 273 11.01 -20.68 15.60
N ARG A 274 10.48 -20.24 14.46
CA ARG A 274 11.15 -19.33 13.56
C ARG A 274 10.35 -18.04 13.43
N LEU A 275 11.03 -16.91 13.54
CA LEU A 275 10.43 -15.60 13.34
C LEU A 275 10.72 -15.13 11.92
N VAL A 276 9.65 -14.91 11.15
CA VAL A 276 9.79 -14.45 9.77
C VAL A 276 9.16 -13.06 9.64
N PRO A 277 9.93 -12.02 9.35
CA PRO A 277 9.33 -10.71 9.13
C PRO A 277 8.48 -10.69 7.87
N VAL A 278 7.44 -9.86 7.90
CA VAL A 278 6.52 -9.77 6.79
C VAL A 278 7.09 -8.82 5.75
N SER A 279 7.83 -9.37 4.78
CA SER A 279 8.43 -8.57 3.72
C SER A 279 8.76 -9.49 2.56
N PHE A 280 8.22 -9.18 1.37
CA PHE A 280 8.50 -9.99 0.19
C PHE A 280 9.97 -9.93 -0.22
N GLU A 281 10.69 -8.86 0.14
CA GLU A 281 12.10 -8.78 -0.16
C GLU A 281 12.93 -9.73 0.68
N ASP A 282 12.40 -10.21 1.80
CA ASP A 282 13.13 -11.13 2.66
C ASP A 282 13.18 -12.50 2.01
N PRO A 283 14.37 -13.07 1.74
CA PRO A 283 14.41 -14.42 1.18
C PRO A 283 13.79 -15.48 2.07
N GLU A 284 13.86 -15.31 3.39
CA GLU A 284 13.25 -16.27 4.29
C GLU A 284 11.74 -16.34 4.11
N PHE A 285 11.11 -15.17 3.94
CA PHE A 285 9.66 -15.14 3.74
C PHE A 285 9.26 -15.83 2.44
N LYS A 286 10.02 -15.62 1.37
CA LYS A 286 9.70 -16.24 0.10
C LYS A 286 10.00 -17.73 0.10
N SER A 287 10.98 -18.17 0.88
CA SER A 287 11.34 -19.58 0.90
C SER A 287 10.22 -20.43 1.49
N SER A 288 9.52 -19.92 2.50
CA SER A 288 8.46 -20.67 3.16
C SER A 288 7.06 -20.18 2.77
N PHE A 289 6.96 -19.35 1.73
CA PHE A 289 5.65 -18.84 1.33
C PHE A 289 4.75 -19.96 0.83
N SER A 290 5.28 -20.88 0.03
CA SER A 290 4.46 -21.97 -0.50
C SER A 290 3.98 -22.89 0.62
N GLN A 291 4.86 -23.23 1.56
CA GLN A 291 4.47 -24.09 2.67
C GLN A 291 3.41 -23.41 3.54
N SER A 292 3.58 -22.11 3.80
CA SER A 292 2.60 -21.38 4.60
C SER A 292 1.26 -21.32 3.89
N PHE A 293 1.27 -21.09 2.56
CA PHE A 293 0.02 -21.06 1.81
C PHE A 293 -0.67 -22.41 1.82
N SER A 294 0.10 -23.49 1.66
CA SER A 294 -0.49 -24.83 1.71
C SER A 294 -1.09 -25.13 3.08
N LEU A 295 -0.38 -24.73 4.15
CA LEU A 295 -0.90 -24.93 5.50
C LEU A 295 -2.18 -24.13 5.72
N TYR A 296 -2.22 -22.89 5.22
CA TYR A 296 -3.43 -22.07 5.36
C TYR A 296 -4.59 -22.69 4.59
N VAL A 297 -4.32 -23.22 3.39
CA VAL A 297 -5.37 -23.86 2.61
C VAL A 297 -5.90 -25.09 3.35
N LYS A 298 -5.00 -25.90 3.90
CA LYS A 298 -5.43 -27.07 4.66
C LYS A 298 -6.28 -26.68 5.86
N TYR A 299 -5.84 -25.65 6.59
CA TYR A 299 -6.60 -25.20 7.75
C TYR A 299 -7.98 -24.70 7.36
N GLN A 300 -8.06 -23.93 6.26
CA GLN A 300 -9.35 -23.40 5.84
C GLN A 300 -10.29 -24.51 5.37
N VAL A 301 -9.77 -25.48 4.63
CA VAL A 301 -10.64 -26.54 4.11
C VAL A 301 -10.97 -27.59 5.17
N ALA A 302 -10.20 -27.67 6.25
CA ALA A 302 -10.46 -28.68 7.27
C ALA A 302 -11.22 -28.11 8.46
N ILE A 303 -10.71 -27.03 9.07
CA ILE A 303 -11.34 -26.49 10.28
C ILE A 303 -12.59 -25.69 9.92
N HIS A 304 -12.43 -24.64 9.12
CA HIS A 304 -13.56 -23.81 8.74
C HIS A 304 -14.36 -24.40 7.59
N GLN A 305 -13.83 -25.40 6.89
CA GLN A 305 -14.53 -26.05 5.77
C GLN A 305 -14.93 -25.06 4.69
N ASP A 306 -14.12 -24.02 4.49
CA ASP A 306 -14.41 -23.05 3.46
C ASP A 306 -14.16 -23.64 2.07
N PRO A 307 -14.88 -23.19 1.05
CA PRO A 307 -14.66 -23.67 -0.31
C PRO A 307 -13.25 -23.34 -0.78
N PRO A 308 -12.64 -24.22 -1.57
CA PRO A 308 -11.25 -23.96 -2.01
C PRO A 308 -11.09 -22.69 -2.83
N ASP A 309 -12.10 -22.34 -3.65
CA ASP A 309 -11.99 -21.16 -4.49
C ASP A 309 -11.94 -19.88 -3.68
N GLU A 310 -12.36 -19.92 -2.42
CA GLU A 310 -12.29 -18.77 -1.52
C GLU A 310 -10.98 -18.74 -0.73
N CYS A 311 -10.05 -19.63 -1.03
CA CYS A 311 -8.77 -19.73 -0.31
C CYS A 311 -7.61 -19.66 -1.27
N GLY A 312 -7.64 -18.67 -2.16
CA GLY A 312 -6.58 -18.49 -3.13
C GLY A 312 -5.40 -17.72 -2.55
N LYS A 313 -4.43 -17.44 -3.44
CA LYS A 313 -3.24 -16.72 -3.02
C LYS A 313 -3.56 -15.29 -2.58
N THR A 314 -4.47 -14.63 -3.30
CA THR A 314 -4.79 -13.24 -2.97
C THR A 314 -5.41 -13.12 -1.59
N GLU A 315 -6.30 -14.06 -1.23
CA GLU A 315 -6.91 -14.04 0.09
C GLU A 315 -5.86 -14.16 1.19
N PHE A 316 -4.90 -15.08 1.00
CA PHE A 316 -3.84 -15.25 1.99
C PHE A 316 -2.97 -14.00 2.08
N THR A 317 -2.59 -13.43 0.93
CA THR A 317 -1.68 -12.30 0.93
C THR A 317 -2.32 -11.06 1.55
N ARG A 318 -3.52 -10.71 1.11
CA ARG A 318 -4.15 -9.46 1.56
C ARG A 318 -4.58 -9.51 3.02
N PHE A 319 -4.55 -10.67 3.66
CA PHE A 319 -4.95 -10.78 5.06
C PHE A 319 -3.86 -11.27 5.99
N LEU A 320 -2.71 -11.75 5.47
CA LEU A 320 -1.62 -12.16 6.35
C LEU A 320 -0.25 -11.73 5.86
N CYS A 321 -0.15 -10.92 4.81
CA CYS A 321 1.16 -10.52 4.30
C CYS A 321 1.24 -9.04 3.95
N SER A 322 0.19 -8.27 4.19
CA SER A 322 0.16 -6.83 3.90
C SER A 322 0.26 -6.10 5.23
N SER A 323 1.49 -5.83 5.67
CA SER A 323 1.72 -5.20 6.96
C SER A 323 2.10 -3.74 6.76
N PRO A 324 1.26 -2.79 7.16
CA PRO A 324 1.63 -1.38 7.08
C PRO A 324 2.48 -0.89 8.25
N LEU A 325 3.02 -1.79 9.07
CA LEU A 325 3.80 -1.42 10.23
C LEU A 325 5.26 -1.26 9.83
N GLU A 326 5.84 -0.10 10.14
CA GLU A 326 7.25 0.13 9.86
C GLU A 326 8.10 -0.70 10.80
N ALA A 327 9.09 -1.40 10.24
CA ALA A 327 9.93 -2.31 11.02
C ALA A 327 11.15 -1.57 11.57
N GLU A 328 10.87 -0.62 12.46
CA GLU A 328 11.92 0.12 13.14
C GLU A 328 12.54 -0.74 14.24
N THR A 329 13.85 -0.62 14.41
CA THR A 329 14.60 -1.40 15.39
C THR A 329 15.41 -0.46 16.26
N PRO A 330 14.78 0.16 17.25
CA PRO A 330 15.53 1.03 18.17
C PRO A 330 16.50 0.23 18.99
N PRO A 331 17.63 0.82 19.40
CA PRO A 331 18.61 0.06 20.19
C PRO A 331 18.07 -0.44 21.53
N ASN A 332 17.16 0.30 22.16
CA ASN A 332 16.61 -0.14 23.44
C ASN A 332 15.59 -1.26 23.29
N GLY A 333 15.09 -1.50 22.08
CA GLY A 333 14.10 -2.53 21.87
C GLY A 333 14.71 -3.90 21.70
N PRO A 334 13.86 -4.87 21.36
CA PRO A 334 14.34 -6.24 21.16
C PRO A 334 15.27 -6.33 19.96
N ASP A 335 16.14 -7.34 19.99
CA ASP A 335 17.07 -7.56 18.89
C ASP A 335 16.33 -7.87 17.59
N CYS A 336 15.25 -8.64 17.67
CA CYS A 336 14.46 -8.94 16.48
C CYS A 336 13.84 -7.67 15.91
N GLY A 337 13.37 -6.77 16.76
CA GLY A 337 12.80 -5.51 16.34
C GLY A 337 11.29 -5.55 16.28
N TYR A 338 10.71 -4.37 16.15
CA TYR A 338 9.26 -4.21 16.09
C TYR A 338 8.76 -4.49 14.67
N GLY A 339 7.45 -4.37 14.48
CA GLY A 339 6.83 -4.59 13.19
C GLY A 339 5.85 -5.76 13.23
N SER A 340 5.76 -6.47 12.12
CA SER A 340 4.90 -7.64 11.99
C SER A 340 5.75 -8.87 11.69
N PHE A 341 5.44 -9.97 12.37
CA PHE A 341 6.22 -11.19 12.26
C PHE A 341 5.29 -12.40 12.22
N HIS A 342 5.83 -13.50 11.71
CA HIS A 342 5.15 -14.79 11.70
C HIS A 342 5.97 -15.79 12.50
N GLN A 343 5.31 -16.45 13.44
CA GLN A 343 5.89 -17.56 14.18
C GLN A 343 5.58 -18.85 13.44
N GLN A 344 6.62 -19.54 12.97
CA GLN A 344 6.48 -20.79 12.23
C GLN A 344 7.06 -21.93 13.06
N TYR A 345 6.33 -23.03 13.16
CA TYR A 345 6.77 -24.19 13.93
C TYR A 345 7.24 -25.26 12.94
N TRP A 346 8.54 -25.31 12.74
CA TRP A 346 9.15 -26.27 11.81
C TRP A 346 9.34 -27.60 12.55
N LEU A 347 8.62 -28.62 12.11
CA LEU A 347 8.74 -29.97 12.67
C LEU A 347 9.60 -30.79 11.70
N ASP A 348 10.85 -31.02 12.08
CA ASP A 348 11.80 -31.77 11.25
C ASP A 348 11.90 -31.17 9.85
N GLY A 349 11.94 -29.84 9.78
CA GLY A 349 12.00 -29.13 8.53
C GLY A 349 10.68 -28.91 7.84
N LYS A 350 9.57 -29.34 8.44
CA LYS A 350 8.24 -29.17 7.88
C LYS A 350 7.42 -28.25 8.76
N ILE A 351 6.77 -27.26 8.15
CA ILE A 351 5.96 -26.29 8.88
C ILE A 351 4.63 -26.92 9.24
N ILE A 352 4.27 -26.87 10.53
CA ILE A 352 3.02 -27.43 10.99
C ILE A 352 2.08 -26.37 11.55
N ALA A 353 2.57 -25.21 11.95
CA ALA A 353 1.71 -24.16 12.49
C ALA A 353 2.33 -22.79 12.24
N VAL A 354 1.50 -21.85 11.82
CA VAL A 354 1.92 -20.48 11.56
C VAL A 354 0.98 -19.52 12.29
N GLY A 355 1.56 -18.62 13.07
CA GLY A 355 0.80 -17.59 13.74
C GLY A 355 1.32 -16.21 13.35
N VAL A 356 0.43 -15.23 13.38
CA VAL A 356 0.78 -13.85 13.03
C VAL A 356 0.81 -13.03 14.30
N ILE A 357 1.97 -12.44 14.60
CA ILE A 357 2.15 -11.63 15.80
C ILE A 357 2.65 -10.25 15.40
N ASP A 358 2.18 -9.23 16.10
CA ASP A 358 2.64 -7.86 15.92
C ASP A 358 3.42 -7.46 17.17
N ILE A 359 4.71 -7.25 17.00
CA ILE A 359 5.58 -6.86 18.11
C ILE A 359 5.51 -5.34 18.28
N LEU A 360 5.20 -4.90 19.48
CA LEU A 360 5.02 -3.50 19.81
C LEU A 360 5.80 -3.17 21.07
N PRO A 361 6.16 -1.89 21.27
CA PRO A 361 6.93 -1.54 22.48
C PRO A 361 6.24 -1.89 23.78
N ASN A 362 4.91 -1.82 23.84
CA ASN A 362 4.17 -2.07 25.06
C ASN A 362 3.65 -3.49 25.18
N CYS A 363 3.13 -4.07 24.10
CA CYS A 363 2.51 -5.39 24.14
C CYS A 363 2.85 -6.14 22.86
N VAL A 364 2.31 -7.36 22.77
CA VAL A 364 2.42 -8.19 21.57
C VAL A 364 1.00 -8.57 21.16
N SER A 365 0.61 -8.17 19.96
CA SER A 365 -0.76 -8.40 19.49
C SER A 365 -0.83 -9.67 18.64
N SER A 366 -1.98 -10.34 18.71
CA SER A 366 -2.25 -11.53 17.93
C SER A 366 -3.47 -11.30 17.05
N VAL A 367 -3.39 -11.77 15.80
CA VAL A 367 -4.46 -11.54 14.83
C VAL A 367 -5.02 -12.87 14.36
N TYR A 368 -4.18 -13.70 13.73
CA TYR A 368 -4.63 -14.96 13.17
C TYR A 368 -3.59 -16.04 13.45
N LEU A 369 -4.07 -17.28 13.51
CA LEU A 369 -3.21 -18.43 13.77
C LEU A 369 -3.85 -19.65 13.11
N TYR A 370 -3.02 -20.46 12.46
CA TYR A 370 -3.51 -21.68 11.83
C TYR A 370 -2.45 -22.77 12.00
N TYR A 371 -2.89 -24.02 11.85
CA TYR A 371 -2.03 -25.16 12.10
C TYR A 371 -2.49 -26.34 11.25
N ASP A 372 -1.70 -27.41 11.29
CA ASP A 372 -2.02 -28.61 10.54
C ASP A 372 -3.17 -29.35 11.20
N PRO A 373 -4.29 -29.56 10.50
CA PRO A 373 -5.39 -30.32 11.12
C PRO A 373 -5.02 -31.74 11.50
N ASP A 374 -4.07 -32.35 10.79
CA ASP A 374 -3.66 -33.71 11.10
C ASP A 374 -3.17 -33.83 12.54
N TYR A 375 -2.46 -32.81 13.02
CA TYR A 375 -2.07 -32.74 14.43
C TYR A 375 -3.11 -31.97 15.24
N SER A 376 -4.38 -32.36 15.10
CA SER A 376 -5.46 -31.72 15.84
C SER A 376 -5.62 -32.27 17.25
N PHE A 377 -4.99 -33.40 17.57
CA PHE A 377 -5.09 -33.98 18.90
C PHE A 377 -4.15 -33.33 19.90
N LEU A 378 -3.16 -32.57 19.44
CA LEU A 378 -2.21 -31.91 20.32
C LEU A 378 -2.72 -30.56 20.83
N SER A 379 -3.85 -30.08 20.32
CA SER A 379 -4.40 -28.78 20.68
C SER A 379 -3.37 -27.67 20.46
N LEU A 380 -2.95 -27.54 19.19
CA LEU A 380 -1.92 -26.58 18.84
C LEU A 380 -2.36 -25.15 19.09
N GLY A 381 -3.66 -24.88 19.12
CA GLY A 381 -4.14 -23.55 19.42
C GLY A 381 -3.78 -23.07 20.81
N VAL A 382 -3.54 -24.00 21.75
CA VAL A 382 -3.12 -23.64 23.09
C VAL A 382 -1.60 -23.66 23.22
N TYR A 383 -0.95 -24.62 22.58
CA TYR A 383 0.51 -24.69 22.63
C TYR A 383 1.14 -23.47 21.96
N SER A 384 0.55 -23.00 20.86
CA SER A 384 1.06 -21.79 20.22
C SER A 384 0.92 -20.58 21.13
N ALA A 385 -0.21 -20.47 21.83
CA ALA A 385 -0.39 -19.38 22.78
C ALA A 385 0.62 -19.45 23.91
N LEU A 386 0.88 -20.66 24.42
CA LEU A 386 1.88 -20.81 25.48
C LEU A 386 3.27 -20.45 24.98
N ARG A 387 3.60 -20.85 23.75
CA ARG A 387 4.90 -20.51 23.18
C ARG A 387 5.05 -19.01 23.00
N GLU A 388 3.99 -18.33 22.55
CA GLU A 388 4.04 -16.88 22.41
C GLU A 388 4.14 -16.19 23.77
N ILE A 389 3.48 -16.75 24.79
CA ILE A 389 3.61 -16.21 26.15
C ILE A 389 5.04 -16.33 26.62
N ALA A 390 5.66 -17.49 26.39
CA ALA A 390 7.07 -17.67 26.78
C ALA A 390 7.98 -16.71 26.01
N PHE A 391 7.70 -16.52 24.72
CA PHE A 391 8.50 -15.59 23.93
C PHE A 391 8.37 -14.16 24.43
N THR A 392 7.15 -13.75 24.78
CA THR A 392 6.95 -12.40 25.33
C THR A 392 7.65 -12.25 26.67
N ARG A 393 7.59 -13.28 27.52
CA ARG A 393 8.29 -13.23 28.80
C ARG A 393 9.80 -13.13 28.60
N GLN A 394 10.34 -13.87 27.63
CA GLN A 394 11.76 -13.75 27.31
C GLN A 394 12.11 -12.36 26.82
N LEU A 395 11.25 -11.78 25.98
CA LEU A 395 11.49 -10.42 25.51
C LEU A 395 11.42 -9.41 26.64
N HIS A 396 10.63 -9.69 27.68
CA HIS A 396 10.52 -8.78 28.81
C HIS A 396 11.84 -8.60 29.54
N GLU A 397 12.77 -9.56 29.42
CA GLU A 397 14.08 -9.42 30.04
C GLU A 397 14.88 -8.28 29.42
N LYS A 398 14.57 -7.89 28.19
CA LYS A 398 15.27 -6.81 27.50
C LYS A 398 14.56 -5.47 27.59
N THR A 399 13.24 -5.46 27.42
CA THR A 399 12.44 -4.24 27.45
C THR A 399 11.51 -4.28 28.65
N SER A 400 11.57 -3.24 29.47
CA SER A 400 10.69 -3.17 30.65
C SER A 400 9.25 -2.85 30.27
N GLN A 401 9.05 -2.05 29.23
CA GLN A 401 7.70 -1.69 28.80
C GLN A 401 6.97 -2.83 28.09
N LEU A 402 7.69 -3.85 27.63
CA LEU A 402 7.08 -4.98 26.94
C LEU A 402 6.79 -6.08 27.98
N SER A 403 5.64 -5.92 28.65
CA SER A 403 5.20 -6.86 29.67
C SER A 403 3.74 -7.23 29.49
N TYR A 404 3.25 -7.20 28.25
CA TYR A 404 1.86 -7.51 27.96
C TYR A 404 1.80 -8.30 26.65
N TYR A 405 0.69 -9.03 26.48
CA TYR A 405 0.48 -9.85 25.30
C TYR A 405 -1.01 -9.92 25.03
N TYR A 406 -1.46 -9.30 23.94
CA TYR A 406 -2.88 -9.28 23.62
C TYR A 406 -3.33 -10.64 23.10
N MET A 407 -4.62 -10.91 23.28
CA MET A 407 -5.24 -12.16 22.83
C MET A 407 -6.25 -11.92 21.73
N GLY A 408 -6.08 -10.83 20.98
CA GLY A 408 -7.01 -10.50 19.91
C GLY A 408 -8.33 -9.97 20.43
N PHE A 409 -9.40 -10.74 20.27
CA PHE A 409 -10.72 -10.36 20.73
C PHE A 409 -11.31 -11.48 21.57
N TYR A 410 -12.25 -11.12 22.44
CA TYR A 410 -12.95 -12.06 23.30
C TYR A 410 -14.45 -11.83 23.19
N ILE A 411 -15.20 -12.90 22.94
CA ILE A 411 -16.65 -12.85 22.86
C ILE A 411 -17.21 -13.88 23.83
N HIS A 412 -18.13 -13.45 24.69
CA HIS A 412 -18.72 -14.34 25.68
C HIS A 412 -19.84 -15.20 25.11
N SER A 413 -20.26 -14.97 23.87
CA SER A 413 -21.32 -15.71 23.22
C SER A 413 -20.79 -16.52 22.04
N CYS A 414 -19.58 -17.05 22.18
CA CYS A 414 -18.96 -17.86 21.13
C CYS A 414 -17.98 -18.83 21.80
N PRO A 415 -18.40 -20.07 22.05
CA PRO A 415 -17.51 -21.00 22.76
C PRO A 415 -16.23 -21.32 22.00
N LYS A 416 -16.19 -21.12 20.68
CA LYS A 416 -14.97 -21.39 19.93
C LYS A 416 -13.84 -20.46 20.36
N MET A 417 -14.15 -19.19 20.58
CA MET A 417 -13.17 -18.22 21.03
C MET A 417 -13.28 -17.85 22.50
N LYS A 418 -14.24 -18.43 23.23
CA LYS A 418 -14.40 -18.13 24.64
C LYS A 418 -13.31 -18.74 25.51
N TYR A 419 -12.53 -19.67 24.97
CA TYR A 419 -11.46 -20.30 25.74
C TYR A 419 -10.34 -19.33 26.10
N LYS A 420 -10.29 -18.15 25.46
CA LYS A 420 -9.28 -17.17 25.81
C LYS A 420 -9.46 -16.66 27.24
N GLY A 421 -10.69 -16.70 27.75
CA GLY A 421 -10.93 -16.31 29.13
C GLY A 421 -10.32 -17.25 30.15
N GLN A 422 -10.06 -18.49 29.76
CA GLN A 422 -9.40 -19.43 30.66
C GLN A 422 -7.98 -19.00 30.99
N TYR A 423 -7.33 -18.23 30.13
CA TYR A 423 -6.00 -17.71 30.39
C TYR A 423 -6.09 -16.62 31.45
N ARG A 424 -5.63 -16.91 32.66
CA ARG A 424 -5.65 -15.95 33.75
C ARG A 424 -4.38 -16.11 34.57
N PRO A 425 -3.90 -15.04 35.22
CA PRO A 425 -4.48 -13.69 35.33
C PRO A 425 -4.46 -12.90 34.02
N SER A 426 -5.50 -12.11 33.78
CA SER A 426 -5.63 -11.38 32.53
C SER A 426 -6.42 -10.10 32.77
N ASP A 427 -6.37 -9.19 31.79
CA ASP A 427 -7.07 -7.93 31.85
C ASP A 427 -7.92 -7.77 30.59
N LEU A 428 -9.03 -7.07 30.74
CA LEU A 428 -9.96 -6.81 29.64
C LEU A 428 -10.10 -5.31 29.44
N LEU A 429 -10.15 -4.90 28.17
CA LEU A 429 -10.25 -3.49 27.81
C LEU A 429 -11.70 -3.06 27.82
N CYS A 430 -11.98 -1.97 28.52
CA CYS A 430 -13.33 -1.43 28.56
C CYS A 430 -13.72 -0.85 27.19
N PRO A 431 -14.99 -0.95 26.81
CA PRO A 431 -15.40 -0.44 25.50
C PRO A 431 -15.49 1.08 25.42
N GLU A 432 -15.60 1.78 26.55
CA GLU A 432 -15.76 3.23 26.52
C GLU A 432 -14.67 3.98 27.27
N THR A 433 -14.25 3.50 28.44
CA THR A 433 -13.23 4.18 29.21
C THR A 433 -11.81 3.84 28.75
N TYR A 434 -11.65 2.82 27.91
CA TYR A 434 -10.35 2.44 27.34
C TYR A 434 -9.31 2.17 28.43
N VAL A 435 -9.73 1.50 29.50
CA VAL A 435 -8.83 1.08 30.57
C VAL A 435 -8.93 -0.43 30.72
N TRP A 436 -7.92 -1.01 31.36
CA TRP A 436 -7.82 -2.45 31.54
C TRP A 436 -8.28 -2.80 32.95
N VAL A 437 -9.30 -3.66 33.05
CA VAL A 437 -9.84 -4.10 34.32
C VAL A 437 -9.56 -5.59 34.49
N PRO A 438 -9.49 -6.10 35.73
CA PRO A 438 -9.26 -7.54 35.91
C PRO A 438 -10.38 -8.37 35.30
N ILE A 439 -10.00 -9.52 34.75
CA ILE A 439 -10.96 -10.37 34.07
C ILE A 439 -12.00 -10.92 35.04
N GLU A 440 -11.57 -11.25 36.27
CA GLU A 440 -12.49 -11.81 37.25
C GLU A 440 -13.56 -10.80 37.65
N GLN A 441 -13.23 -9.51 37.64
CA GLN A 441 -14.21 -8.51 38.02
C GLN A 441 -15.26 -8.28 36.93
N CYS A 442 -14.89 -8.47 35.66
CA CYS A 442 -15.79 -8.22 34.55
C CYS A 442 -16.50 -9.46 34.05
N LEU A 443 -16.05 -10.65 34.43
CA LEU A 443 -16.75 -11.87 34.01
C LEU A 443 -18.21 -11.91 34.46
N PRO A 444 -18.58 -11.58 35.70
CA PRO A 444 -20.01 -11.51 36.03
C PRO A 444 -20.76 -10.48 35.20
N SER A 445 -20.11 -9.38 34.83
CA SER A 445 -20.75 -8.41 33.94
C SER A 445 -20.90 -8.97 32.52
N LEU A 446 -19.89 -9.69 32.04
CA LEU A 446 -19.96 -10.28 30.70
C LEU A 446 -21.06 -11.33 30.62
N GLU A 447 -21.20 -12.16 31.64
CA GLU A 447 -22.23 -13.19 31.61
C GLU A 447 -23.61 -12.61 31.82
N ASN A 448 -23.70 -11.42 32.43
CA ASN A 448 -25.01 -10.80 32.65
C ASN A 448 -25.62 -10.32 31.35
N SER A 449 -24.83 -9.63 30.52
CA SER A 449 -25.32 -9.11 29.24
C SER A 449 -24.18 -9.15 28.24
N LYS A 450 -24.54 -9.22 26.95
CA LYS A 450 -23.53 -9.28 25.90
C LYS A 450 -22.70 -8.00 25.85
N TYR A 451 -23.34 -6.85 25.99
CA TYR A 451 -22.64 -5.56 25.98
C TYR A 451 -23.04 -4.78 27.23
N CYS A 452 -22.02 -4.30 27.95
CA CYS A 452 -22.25 -3.48 29.14
C CYS A 452 -20.97 -2.76 29.54
N ARG A 453 -21.06 -1.45 29.74
CA ARG A 453 -19.91 -0.69 30.20
C ARG A 453 -19.55 -1.09 31.63
N PHE A 454 -18.27 -1.34 31.88
CA PHE A 454 -17.85 -1.75 33.21
C PHE A 454 -17.93 -0.58 34.18
N ASN A 455 -17.10 0.44 33.97
CA ASN A 455 -17.20 1.74 34.64
C ASN A 455 -17.40 1.59 36.15
N GLN A 456 -16.36 1.08 36.82
CA GLN A 456 -16.42 0.92 38.26
C GLN A 456 -16.71 2.23 38.97
N ASP A 457 -16.32 3.36 38.37
CA ASP A 457 -16.64 4.68 38.88
C ASP A 457 -17.24 5.52 37.76
N PRO A 458 -18.33 6.23 38.03
CA PRO A 458 -19.01 7.00 36.98
C PRO A 458 -18.24 8.24 36.54
N GLU A 459 -17.08 8.47 37.14
CA GLU A 459 -16.26 9.65 36.85
C GLU A 459 -14.90 9.24 36.30
N ALA A 460 -14.88 8.30 35.36
CA ALA A 460 -13.66 7.81 34.72
C ALA A 460 -13.83 7.97 33.22
N VAL A 461 -13.27 9.04 32.67
CA VAL A 461 -13.33 9.31 31.24
C VAL A 461 -11.97 9.02 30.63
N ASP A 462 -11.94 8.91 29.30
CA ASP A 462 -10.70 8.64 28.61
C ASP A 462 -9.76 9.83 28.67
N GLU A 463 -8.48 9.56 28.96
CA GLU A 463 -7.48 10.61 29.04
C GLU A 463 -7.03 11.08 27.66
N ASP A 464 -6.97 10.17 26.69
CA ASP A 464 -6.50 10.48 25.35
C ASP A 464 -7.63 10.84 24.39
N ARG A 465 -8.85 11.02 24.89
CA ARG A 465 -9.97 11.37 24.03
C ARG A 465 -9.71 12.68 23.31
N SER A 466 -10.05 12.72 22.02
CA SER A 466 -9.77 13.89 21.19
C SER A 466 -10.58 15.09 21.66
N THR A 467 -9.86 16.16 22.03
CA THR A 467 -10.49 17.42 22.42
C THR A 467 -10.06 18.60 21.56
N GLU A 468 -8.98 18.49 20.79
CA GLU A 468 -8.49 19.55 19.92
C GLU A 468 -8.30 18.97 18.53
N PRO A 469 -9.37 18.91 17.73
CA PRO A 469 -9.23 18.34 16.38
C PRO A 469 -8.30 19.13 15.47
N ASP A 470 -8.05 20.40 15.76
CA ASP A 470 -7.16 21.20 14.93
C ASP A 470 -5.72 20.68 14.96
N ARG A 471 -5.33 19.96 16.00
CA ARG A 471 -3.99 19.39 16.08
C ARG A 471 -3.77 18.25 15.10
N LEU A 472 -4.83 17.75 14.47
CA LEU A 472 -4.69 16.65 13.51
C LEU A 472 -3.88 17.10 12.31
N GLN A 473 -2.95 16.23 11.90
CA GLN A 473 -2.08 16.49 10.75
C GLN A 473 -2.66 15.82 9.52
N VAL A 474 -2.78 16.57 8.43
CA VAL A 474 -3.41 16.11 7.20
C VAL A 474 -2.44 16.32 6.06
N PHE A 475 -2.28 15.29 5.22
CA PHE A 475 -1.48 15.38 4.00
C PHE A 475 -2.40 15.86 2.87
N HIS A 476 -2.48 17.17 2.71
CA HIS A 476 -3.37 17.77 1.73
C HIS A 476 -2.59 18.74 0.85
N LYS A 477 -2.92 18.75 -0.44
CA LYS A 477 -2.26 19.62 -1.42
C LYS A 477 -0.76 19.43 -1.41
N ARG A 478 -0.32 18.18 -1.22
CA ARG A 478 1.09 17.83 -1.09
C ARG A 478 1.74 18.67 0.01
N ALA A 479 1.10 18.70 1.17
CA ALA A 479 1.62 19.48 2.29
C ALA A 479 1.08 18.89 3.60
N ILE A 480 1.95 18.85 4.61
CA ILE A 480 1.56 18.42 5.95
C ILE A 480 1.02 19.65 6.67
N MET A 481 -0.30 19.68 6.89
CA MET A 481 -0.88 20.87 7.49
C MET A 481 -1.77 20.51 8.67
N PRO A 482 -1.92 21.43 9.63
CA PRO A 482 -2.90 21.20 10.71
C PRO A 482 -4.31 21.16 10.15
N TYR A 483 -5.19 20.47 10.89
CA TYR A 483 -6.56 20.32 10.44
C TYR A 483 -7.26 21.67 10.29
N GLY A 484 -7.05 22.58 11.25
CA GLY A 484 -7.65 23.89 11.14
C GLY A 484 -7.09 24.70 9.98
N VAL A 485 -5.79 24.57 9.73
CA VAL A 485 -5.17 25.31 8.63
C VAL A 485 -5.69 24.82 7.28
N TYR A 486 -5.74 23.50 7.10
CA TYR A 486 -6.17 22.92 5.84
C TYR A 486 -7.68 22.93 5.67
N LYS A 487 -8.44 23.19 6.75
CA LYS A 487 -9.89 23.21 6.65
C LYS A 487 -10.37 24.32 5.71
N LYS A 488 -9.64 25.43 5.64
CA LYS A 488 -10.03 26.51 4.72
C LYS A 488 -9.98 26.06 3.28
N GLN A 489 -8.94 25.32 2.90
CA GLN A 489 -8.84 24.80 1.53
C GLN A 489 -9.94 23.78 1.26
N GLN A 490 -10.22 22.90 2.23
CA GLN A 490 -11.25 21.90 2.05
C GLN A 490 -12.62 22.53 1.96
N LYS A 491 -13.49 21.93 1.16
CA LYS A 491 -14.81 22.49 0.87
C LYS A 491 -15.97 21.59 1.29
N ASP A 492 -15.86 20.29 1.09
CA ASP A 492 -16.97 19.40 1.41
C ASP A 492 -17.17 19.31 2.92
N PRO A 493 -18.36 19.62 3.44
CA PRO A 493 -18.55 19.58 4.90
C PRO A 493 -18.74 18.17 5.44
N SER A 494 -19.39 17.30 4.65
CA SER A 494 -19.67 15.95 5.13
C SER A 494 -18.38 15.19 5.42
N GLU A 495 -17.39 15.32 4.54
CA GLU A 495 -16.08 14.72 4.80
C GLU A 495 -15.52 15.20 6.14
N GLU A 496 -15.76 16.47 6.47
CA GLU A 496 -15.36 16.99 7.77
C GLU A 496 -15.86 16.09 8.90
N ALA A 497 -17.14 15.73 8.85
CA ALA A 497 -17.69 14.84 9.87
C ALA A 497 -16.95 13.51 9.89
N ALA A 498 -16.65 12.97 8.70
CA ALA A 498 -15.90 11.72 8.63
C ALA A 498 -14.55 11.86 9.32
N VAL A 499 -13.95 13.05 9.27
CA VAL A 499 -12.71 13.29 10.01
C VAL A 499 -12.98 13.33 11.51
N LEU A 500 -14.05 14.03 11.92
CA LEU A 500 -14.29 14.27 13.33
C LEU A 500 -14.46 12.96 14.09
N GLN A 501 -15.36 12.10 13.61
CA GLN A 501 -15.51 10.78 14.20
C GLN A 501 -14.18 10.04 14.18
N TYR A 502 -13.44 10.15 13.07
CA TYR A 502 -12.11 9.56 12.99
C TYR A 502 -11.26 9.95 14.18
N ALA A 503 -11.26 11.26 14.52
CA ALA A 503 -10.50 11.71 15.68
C ALA A 503 -10.96 10.98 16.94
N SER A 504 -12.28 10.92 17.15
CA SER A 504 -12.81 10.24 18.32
C SER A 504 -12.45 8.76 18.34
N LEU A 505 -12.12 8.19 17.19
CA LEU A 505 -11.74 6.79 17.11
C LEU A 505 -10.24 6.58 17.16
N VAL A 506 -9.44 7.65 17.18
CA VAL A 506 -7.99 7.51 17.25
C VAL A 506 -7.37 8.18 18.45
N GLY A 507 -8.04 9.14 19.07
CA GLY A 507 -7.48 9.84 20.21
C GLY A 507 -6.68 11.07 19.82
N GLN A 508 -6.48 11.95 20.80
CA GLN A 508 -5.77 13.20 20.54
C GLN A 508 -4.31 12.93 20.19
N LYS A 509 -3.66 11.99 20.89
CA LYS A 509 -2.26 11.72 20.65
C LYS A 509 -2.02 11.18 19.23
N CYS A 510 -2.87 10.26 18.78
CA CYS A 510 -2.69 9.69 17.45
C CYS A 510 -3.10 10.67 16.35
N SER A 511 -3.98 11.62 16.67
CA SER A 511 -4.43 12.58 15.65
C SER A 511 -3.27 13.44 15.16
N GLU A 512 -2.40 13.88 16.06
CA GLU A 512 -1.28 14.74 15.71
C GLU A 512 -0.06 13.96 15.23
N ARG A 513 -0.11 12.63 15.23
CA ARG A 513 1.00 11.81 14.76
C ARG A 513 0.70 11.03 13.49
N MET A 514 -0.56 11.03 13.04
CA MET A 514 -0.95 10.30 11.84
C MET A 514 -1.46 11.27 10.79
N LEU A 515 -1.08 11.04 9.54
CA LEU A 515 -1.46 11.87 8.41
C LEU A 515 -2.66 11.25 7.71
N LEU A 516 -3.76 12.00 7.63
CA LEU A 516 -4.95 11.56 6.90
C LEU A 516 -4.80 12.01 5.45
N PHE A 517 -4.31 11.09 4.62
CA PHE A 517 -4.02 11.43 3.24
C PHE A 517 -5.30 11.75 2.46
N ARG A 518 -5.32 12.94 1.85
CA ARG A 518 -6.44 13.32 0.99
C ARG A 518 -5.97 14.05 -0.26
N ASN A 519 -4.67 14.01 -0.57
CA ASN A 519 -4.14 14.68 -1.75
C ASN A 519 -4.43 13.88 -3.02
N GLY B 8 3.37 -15.81 -10.96
CA GLY B 8 3.26 -14.42 -10.57
C GLY B 8 1.97 -14.08 -9.86
N SER B 9 1.96 -12.95 -9.17
CA SER B 9 0.78 -12.51 -8.44
C SER B 9 -0.02 -11.52 -9.27
N PRO B 10 -1.33 -11.74 -9.42
CA PRO B 10 -2.15 -10.83 -10.22
C PRO B 10 -2.17 -9.42 -9.63
N SER B 11 -2.25 -8.43 -10.51
CA SER B 11 -2.33 -7.05 -10.07
C SER B 11 -3.68 -6.77 -9.43
N VAL B 12 -3.67 -5.95 -8.38
CA VAL B 12 -4.88 -5.58 -7.65
C VAL B 12 -4.97 -4.06 -7.65
N VAL B 13 -6.13 -3.54 -8.07
CA VAL B 13 -6.37 -2.10 -8.11
C VAL B 13 -7.73 -1.79 -7.52
N ASP B 14 -7.92 -0.51 -7.17
CA ASP B 14 -9.20 -0.01 -6.66
C ASP B 14 -9.49 1.30 -7.39
N TYR B 15 -10.42 1.27 -8.34
CA TYR B 15 -10.75 2.42 -9.14
C TYR B 15 -11.79 3.29 -8.46
N PHE B 16 -11.60 4.61 -8.52
CA PHE B 16 -12.56 5.54 -7.93
C PHE B 16 -12.83 6.68 -8.90
N PRO B 17 -14.03 6.75 -9.48
CA PRO B 17 -14.32 7.83 -10.43
C PRO B 17 -14.37 9.18 -9.73
N SER B 18 -14.03 10.22 -10.49
CA SER B 18 -14.02 11.59 -10.00
C SER B 18 -15.02 12.40 -10.82
N GLU B 19 -16.01 12.98 -10.15
CA GLU B 19 -17.04 13.78 -10.79
C GLU B 19 -16.75 15.28 -10.73
N ASP B 20 -15.60 15.68 -10.21
CA ASP B 20 -15.26 17.09 -10.07
C ASP B 20 -13.92 17.36 -10.73
N PHE B 21 -13.76 18.59 -11.21
CA PHE B 21 -12.53 19.00 -11.88
C PHE B 21 -11.45 19.36 -10.86
N TYR B 22 -10.23 19.51 -11.36
CA TYR B 22 -9.09 19.92 -10.56
C TYR B 22 -8.46 21.17 -11.19
N ARG B 23 -7.42 21.67 -10.52
CA ARG B 23 -6.68 22.85 -10.98
C ARG B 23 -5.37 22.39 -11.59
N CYS B 24 -5.18 22.69 -12.87
CA CYS B 24 -3.97 22.32 -13.58
C CYS B 24 -2.91 23.40 -13.44
N GLY B 25 -1.65 23.00 -13.51
CA GLY B 25 -0.53 23.91 -13.42
C GLY B 25 -0.13 24.58 -14.71
N TYR B 26 -0.89 24.35 -15.79
CA TYR B 26 -0.58 24.92 -17.10
C TYR B 26 -1.56 26.02 -17.49
N CYS B 27 -2.86 25.73 -17.51
CA CYS B 27 -3.87 26.72 -17.83
C CYS B 27 -4.38 27.47 -16.61
N LYS B 28 -4.00 27.02 -15.40
CA LYS B 28 -4.42 27.67 -14.15
C LYS B 28 -5.94 27.77 -14.05
N ASN B 29 -6.63 26.72 -14.46
CA ASN B 29 -8.08 26.65 -14.44
C ASN B 29 -8.50 25.48 -13.55
N GLU B 30 -9.49 25.72 -12.69
CA GLU B 30 -9.96 24.72 -11.74
C GLU B 30 -11.25 24.05 -12.20
N SER B 31 -11.63 24.22 -13.47
CA SER B 31 -12.85 23.60 -13.98
C SER B 31 -12.62 22.85 -15.30
N GLY B 32 -11.37 22.59 -15.68
CA GLY B 32 -11.09 21.94 -16.94
C GLY B 32 -10.03 20.86 -16.85
N SER B 33 -9.93 20.19 -15.71
CA SER B 33 -8.91 19.17 -15.47
C SER B 33 -9.54 17.93 -14.86
N ARG B 34 -10.62 17.43 -15.47
CA ARG B 34 -11.24 16.20 -15.00
C ARG B 34 -10.39 15.00 -15.39
N SER B 35 -10.32 14.03 -14.47
CA SER B 35 -9.53 12.82 -14.70
C SER B 35 -10.08 11.70 -13.85
N ASN B 36 -9.71 10.47 -14.20
CA ASN B 36 -10.09 9.28 -13.45
C ASN B 36 -8.86 8.69 -12.77
N GLY B 37 -9.08 7.98 -11.67
CA GLY B 37 -7.95 7.48 -10.89
C GLY B 37 -8.23 6.15 -10.23
N MET B 38 -7.14 5.48 -9.86
CA MET B 38 -7.23 4.21 -9.16
C MET B 38 -6.02 4.04 -8.27
N TRP B 39 -6.26 3.55 -7.05
CA TRP B 39 -5.18 3.20 -6.14
C TRP B 39 -4.66 1.82 -6.49
N ALA B 40 -3.36 1.72 -6.76
CA ALA B 40 -2.72 0.46 -7.13
C ALA B 40 -2.08 -0.12 -5.87
N HIS B 41 -2.81 -1.01 -5.19
CA HIS B 41 -2.27 -1.66 -4.00
C HIS B 41 -1.05 -2.50 -4.35
N SER B 42 -1.13 -3.26 -5.44
CA SER B 42 0.01 -4.08 -5.90
C SER B 42 -0.24 -4.42 -7.36
N MET B 43 0.72 -4.06 -8.22
CA MET B 43 0.61 -4.32 -9.65
C MET B 43 1.91 -4.91 -10.17
N THR B 44 1.80 -5.65 -11.27
CA THR B 44 2.96 -6.19 -11.96
C THR B 44 3.29 -5.33 -13.18
N VAL B 45 4.53 -5.47 -13.64
CA VAL B 45 4.99 -4.67 -14.77
C VAL B 45 4.26 -5.06 -16.05
N GLN B 46 3.93 -6.34 -16.21
CA GLN B 46 3.24 -6.81 -17.42
C GLN B 46 1.90 -6.12 -17.59
N ASP B 47 1.23 -5.77 -16.51
CA ASP B 47 -0.03 -5.03 -16.59
C ASP B 47 0.19 -3.52 -16.67
N TYR B 48 1.21 -3.00 -15.99
CA TYR B 48 1.46 -1.56 -16.02
C TYR B 48 1.90 -1.08 -17.39
N GLN B 49 2.67 -1.89 -18.12
CA GLN B 49 3.05 -1.51 -19.47
C GLN B 49 1.83 -1.40 -20.38
N ASP B 50 0.90 -2.36 -20.27
CA ASP B 50 -0.33 -2.27 -21.04
C ASP B 50 -1.17 -1.06 -20.61
N LEU B 51 -1.19 -0.78 -19.30
CA LEU B 51 -1.95 0.37 -18.81
C LEU B 51 -1.41 1.68 -19.39
N ILE B 52 -0.09 1.84 -19.38
CA ILE B 52 0.49 3.07 -19.93
C ILE B 52 0.34 3.10 -21.45
N ASP B 53 0.33 1.93 -22.11
CA ASP B 53 0.00 1.90 -23.53
C ASP B 53 -1.44 2.33 -23.77
N ARG B 54 -2.30 2.14 -22.78
CA ARG B 54 -3.68 2.62 -22.85
C ARG B 54 -3.81 4.08 -22.47
N GLY B 55 -2.72 4.74 -22.07
CA GLY B 55 -2.76 6.15 -21.73
C GLY B 55 -2.96 6.40 -20.25
N TRP B 56 -2.14 5.75 -19.41
CA TRP B 56 -2.22 5.88 -17.97
C TRP B 56 -0.87 6.27 -17.39
N ARG B 57 -0.90 7.10 -16.35
CA ARG B 57 0.30 7.45 -15.60
C ARG B 57 -0.03 7.47 -14.12
N ARG B 58 1.00 7.33 -13.30
CA ARG B 58 0.84 7.25 -11.85
C ARG B 58 1.58 8.39 -11.17
N SER B 59 0.90 8.99 -10.19
CA SER B 59 1.53 9.99 -9.32
C SER B 59 2.03 9.32 -8.04
N GLY B 60 2.89 8.33 -8.23
CA GLY B 60 3.36 7.51 -7.13
C GLY B 60 2.67 6.16 -7.09
N LYS B 61 1.74 5.99 -6.16
CA LYS B 61 0.95 4.78 -6.04
C LYS B 61 -0.48 4.95 -6.54
N TYR B 62 -0.78 6.10 -7.17
CA TYR B 62 -2.12 6.41 -7.65
C TYR B 62 -2.05 6.63 -9.15
N VAL B 63 -2.62 5.70 -9.91
CA VAL B 63 -2.56 5.74 -11.37
C VAL B 63 -3.77 6.51 -11.89
N TYR B 64 -3.52 7.54 -12.69
CA TYR B 64 -4.58 8.41 -13.17
C TYR B 64 -4.55 8.48 -14.70
N LYS B 65 -5.73 8.66 -15.28
CA LYS B 65 -5.89 8.85 -16.72
C LYS B 65 -6.68 10.13 -16.94
N PRO B 66 -6.12 11.10 -17.66
CA PRO B 66 -6.88 12.33 -17.95
C PRO B 66 -8.00 12.06 -18.94
N VAL B 67 -9.02 12.93 -18.87
CA VAL B 67 -10.14 12.88 -19.82
C VAL B 67 -9.74 13.77 -21.00
N MET B 68 -9.27 13.14 -22.08
CA MET B 68 -8.69 13.89 -23.19
C MET B 68 -9.71 14.81 -23.85
N ASN B 69 -10.92 14.32 -24.07
CA ASN B 69 -11.93 15.09 -24.79
C ASN B 69 -12.55 16.20 -23.95
N GLN B 70 -12.27 16.25 -22.64
CA GLN B 70 -12.85 17.25 -21.77
C GLN B 70 -11.84 18.16 -21.09
N THR B 71 -10.60 17.72 -20.91
CA THR B 71 -9.61 18.56 -20.24
C THR B 71 -9.26 19.78 -21.09
N CYS B 72 -9.12 20.92 -20.42
CA CYS B 72 -8.71 22.14 -21.10
C CYS B 72 -7.27 22.07 -21.62
N CYS B 73 -6.44 21.23 -21.01
CA CYS B 73 -5.04 21.06 -21.40
C CYS B 73 -4.81 19.59 -21.71
N PRO B 74 -5.02 19.17 -22.96
CA PRO B 74 -4.81 17.77 -23.32
C PRO B 74 -3.37 17.34 -23.10
N GLN B 75 -3.20 16.09 -22.67
CA GLN B 75 -1.89 15.52 -22.35
C GLN B 75 -1.74 14.23 -23.15
N TYR B 76 -0.99 14.29 -24.25
CA TYR B 76 -0.78 13.15 -25.13
C TYR B 76 0.53 12.46 -24.77
N THR B 77 0.47 11.14 -24.59
CA THR B 77 1.68 10.37 -24.31
C THR B 77 2.59 10.37 -25.53
N ILE B 78 3.89 10.54 -25.29
CA ILE B 78 4.89 10.59 -26.34
C ILE B 78 5.87 9.44 -26.14
N ARG B 79 6.20 8.75 -27.23
CA ARG B 79 7.07 7.58 -27.18
C ARG B 79 8.28 7.81 -28.08
N CYS B 80 9.46 7.61 -27.52
CA CYS B 80 10.70 7.75 -28.27
C CYS B 80 11.11 6.41 -28.90
N ARG B 81 12.02 6.50 -29.87
CA ARG B 81 12.55 5.33 -30.57
C ARG B 81 14.06 5.33 -30.48
N PRO B 82 14.62 4.77 -29.40
CA PRO B 82 16.09 4.73 -29.27
C PRO B 82 16.77 3.87 -30.33
N LEU B 83 16.04 2.98 -31.01
CA LEU B 83 16.65 2.12 -32.02
C LEU B 83 17.21 2.94 -33.18
N GLN B 84 16.46 3.93 -33.65
CA GLN B 84 16.88 4.78 -34.75
C GLN B 84 16.94 6.25 -34.34
N PHE B 85 17.26 6.51 -33.07
CA PHE B 85 17.31 7.88 -32.56
C PHE B 85 18.59 8.55 -33.03
N GLN B 86 18.45 9.66 -33.74
CA GLN B 86 19.58 10.48 -34.13
C GLN B 86 19.58 11.77 -33.32
N PRO B 87 20.55 12.00 -32.45
CA PRO B 87 20.53 13.20 -31.62
C PRO B 87 20.60 14.47 -32.47
N SER B 88 19.86 15.49 -32.05
CA SER B 88 19.83 16.75 -32.76
C SER B 88 21.13 17.53 -32.53
N LYS B 89 21.30 18.60 -33.31
CA LYS B 89 22.48 19.44 -33.16
C LYS B 89 22.52 20.10 -31.79
N SER B 90 21.36 20.53 -31.29
CA SER B 90 21.31 21.14 -29.96
C SER B 90 21.72 20.15 -28.88
N HIS B 91 21.23 18.91 -28.97
CA HIS B 91 21.58 17.90 -27.98
C HIS B 91 23.06 17.58 -28.01
N LYS B 92 23.63 17.45 -29.21
CA LYS B 92 25.06 17.19 -29.33
C LYS B 92 25.88 18.35 -28.79
N LYS B 93 25.43 19.58 -29.06
CA LYS B 93 26.12 20.75 -28.53
C LYS B 93 26.07 20.77 -27.01
N VAL B 94 24.93 20.42 -26.43
CA VAL B 94 24.81 20.37 -24.96
C VAL B 94 25.74 19.30 -24.39
N LEU B 95 25.79 18.14 -25.04
CA LEU B 95 26.68 17.07 -24.58
C LEU B 95 28.14 17.50 -24.65
N LYS B 96 28.53 18.16 -25.75
CA LYS B 96 29.91 18.64 -25.87
C LYS B 96 30.22 19.71 -24.83
N LYS B 97 29.27 20.61 -24.58
CA LYS B 97 29.48 21.67 -23.60
C LYS B 97 29.64 21.11 -22.20
N MET B 98 28.81 20.14 -21.82
CA MET B 98 28.93 19.55 -20.49
C MET B 98 30.17 18.67 -20.39
N LEU B 99 30.60 18.07 -21.51
CA LEU B 99 31.86 17.34 -21.50
C LEU B 99 33.03 18.28 -21.23
N LYS B 100 32.99 19.49 -21.81
CA LYS B 100 34.00 20.49 -21.50
C LYS B 100 33.93 20.90 -20.03
N PHE B 101 32.72 20.99 -19.48
CA PHE B 101 32.57 21.35 -18.07
C PHE B 101 33.17 20.28 -17.16
N LEU B 102 33.00 19.00 -17.52
CA LEU B 102 33.54 17.91 -16.73
C LEU B 102 35.02 17.64 -17.00
N ALA B 103 35.61 18.35 -17.95
CA ALA B 103 37.02 18.18 -18.28
C ALA B 103 37.87 19.41 -17.98
N LYS B 104 37.36 20.61 -18.28
CA LYS B 104 38.10 21.84 -18.04
C LYS B 104 37.36 22.82 -17.13
N GLY B 105 36.16 22.48 -16.69
CA GLY B 105 35.39 23.37 -15.81
C GLY B 105 34.76 24.53 -16.55
N LYS B 270 33.29 14.04 -12.75
CA LYS B 270 33.22 12.58 -12.68
C LYS B 270 31.82 12.12 -12.33
N LEU B 271 30.87 12.41 -13.22
CA LEU B 271 29.47 12.03 -12.98
C LEU B 271 29.30 10.53 -13.13
N GLU B 272 28.47 9.95 -12.26
CA GLU B 272 28.15 8.53 -12.30
C GLU B 272 26.66 8.35 -12.15
N VAL B 273 26.15 7.23 -12.66
CA VAL B 273 24.72 6.93 -12.62
C VAL B 273 24.51 5.72 -11.74
N ARG B 274 23.66 5.86 -10.72
CA ARG B 274 23.32 4.78 -9.81
C ARG B 274 21.85 4.44 -9.96
N LEU B 275 21.56 3.17 -10.22
CA LEU B 275 20.19 2.68 -10.35
C LEU B 275 19.78 1.99 -9.06
N VAL B 276 18.75 2.51 -8.41
CA VAL B 276 18.33 1.97 -7.12
C VAL B 276 16.84 1.63 -7.15
N PRO B 277 16.43 0.46 -6.65
CA PRO B 277 15.01 0.14 -6.58
C PRO B 277 14.29 1.04 -5.59
N VAL B 278 12.96 1.06 -5.70
CA VAL B 278 12.14 1.92 -4.86
C VAL B 278 11.48 1.09 -3.75
N SER B 279 12.15 1.00 -2.61
CA SER B 279 11.64 0.28 -1.45
C SER B 279 12.51 0.64 -0.25
N PHE B 280 11.86 0.87 0.90
CA PHE B 280 12.59 1.24 2.10
C PHE B 280 13.45 0.10 2.63
N GLU B 281 13.15 -1.14 2.26
CA GLU B 281 13.95 -2.28 2.72
C GLU B 281 15.35 -2.29 2.12
N ASP B 282 15.54 -1.65 0.97
CA ASP B 282 16.87 -1.61 0.36
C ASP B 282 17.77 -0.67 1.15
N PRO B 283 18.94 -1.13 1.61
CA PRO B 283 19.84 -0.23 2.34
C PRO B 283 20.30 0.96 1.52
N GLU B 284 20.50 0.78 0.21
CA GLU B 284 20.93 1.88 -0.64
C GLU B 284 19.88 2.98 -0.71
N PHE B 285 18.60 2.59 -0.85
CA PHE B 285 17.52 3.58 -0.89
C PHE B 285 17.40 4.30 0.44
N LYS B 286 17.52 3.58 1.56
CA LYS B 286 17.41 4.20 2.87
C LYS B 286 18.56 5.17 3.13
N SER B 287 19.78 4.79 2.73
CA SER B 287 20.93 5.63 2.99
C SER B 287 20.85 6.95 2.22
N SER B 288 20.37 6.90 0.98
CA SER B 288 20.30 8.08 0.12
C SER B 288 18.99 8.83 0.25
N PHE B 289 18.10 8.42 1.16
CA PHE B 289 16.83 9.10 1.33
C PHE B 289 16.98 10.51 1.86
N SER B 290 18.07 10.80 2.58
CA SER B 290 18.24 12.14 3.15
C SER B 290 18.70 13.14 2.11
N GLN B 291 19.74 12.80 1.35
CA GLN B 291 20.24 13.71 0.32
C GLN B 291 19.21 13.93 -0.77
N SER B 292 18.50 12.87 -1.17
CA SER B 292 17.48 13.00 -2.20
C SER B 292 16.35 13.92 -1.74
N PHE B 293 15.97 13.83 -0.46
CA PHE B 293 14.94 14.71 0.07
C PHE B 293 15.37 16.17 0.00
N SER B 294 16.62 16.47 0.38
CA SER B 294 17.12 17.84 0.31
C SER B 294 17.18 18.33 -1.14
N LEU B 295 17.61 17.46 -2.05
CA LEU B 295 17.65 17.84 -3.46
C LEU B 295 16.25 18.15 -3.99
N TYR B 296 15.27 17.32 -3.62
CA TYR B 296 13.89 17.57 -4.04
C TYR B 296 13.36 18.88 -3.45
N VAL B 297 13.69 19.16 -2.19
CA VAL B 297 13.26 20.41 -1.57
C VAL B 297 13.85 21.60 -2.32
N LYS B 298 15.15 21.53 -2.63
CA LYS B 298 15.80 22.62 -3.36
C LYS B 298 15.18 22.81 -4.73
N TYR B 299 14.92 21.70 -5.44
CA TYR B 299 14.33 21.80 -6.77
C TYR B 299 12.94 22.41 -6.71
N GLN B 300 12.13 22.00 -5.74
CA GLN B 300 10.77 22.55 -5.63
C GLN B 300 10.79 24.02 -5.25
N VAL B 301 11.68 24.42 -4.35
CA VAL B 301 11.71 25.82 -3.91
C VAL B 301 12.22 26.72 -5.03
N ALA B 302 13.35 26.34 -5.65
CA ALA B 302 13.99 27.24 -6.61
C ALA B 302 13.24 27.28 -7.94
N ILE B 303 12.83 26.12 -8.44
CA ILE B 303 12.27 26.03 -9.79
C ILE B 303 10.77 26.30 -9.78
N HIS B 304 10.02 25.47 -9.06
CA HIS B 304 8.57 25.57 -9.03
C HIS B 304 8.06 26.60 -8.03
N GLN B 305 8.94 27.26 -7.29
CA GLN B 305 8.58 28.27 -6.31
C GLN B 305 7.66 27.70 -5.23
N ASP B 306 7.83 26.41 -4.92
CA ASP B 306 7.02 25.79 -3.89
C ASP B 306 7.56 26.13 -2.51
N PRO B 307 6.73 26.67 -1.62
CA PRO B 307 7.21 26.99 -0.27
C PRO B 307 7.55 25.73 0.51
N PRO B 308 8.41 25.83 1.52
CA PRO B 308 8.76 24.63 2.30
C PRO B 308 7.57 23.97 2.97
N ASP B 309 6.51 24.74 3.26
CA ASP B 309 5.31 24.16 3.85
C ASP B 309 4.65 23.15 2.91
N GLU B 310 4.82 23.34 1.61
CA GLU B 310 4.25 22.44 0.60
C GLU B 310 5.20 21.31 0.22
N CYS B 311 6.13 20.95 1.12
CA CYS B 311 7.05 19.85 0.85
C CYS B 311 7.46 19.22 2.18
N GLY B 312 7.93 17.99 2.09
CA GLY B 312 8.35 17.27 3.29
C GLY B 312 8.68 15.84 2.95
N LYS B 313 8.98 15.07 4.01
CA LYS B 313 9.34 13.67 3.83
C LYS B 313 8.18 12.87 3.25
N THR B 314 6.96 13.11 3.75
CA THR B 314 5.80 12.42 3.19
C THR B 314 5.54 12.85 1.76
N GLU B 315 5.73 14.13 1.45
CA GLU B 315 5.57 14.61 0.09
C GLU B 315 6.56 13.94 -0.85
N PHE B 316 7.81 13.79 -0.41
CA PHE B 316 8.81 13.10 -1.21
C PHE B 316 8.57 11.59 -1.26
N THR B 317 7.84 11.04 -0.30
CA THR B 317 7.58 9.62 -0.22
C THR B 317 6.34 9.19 -1.00
N ARG B 318 5.22 9.88 -0.82
CA ARG B 318 3.96 9.50 -1.44
C ARG B 318 3.88 9.93 -2.90
N PHE B 319 4.85 10.69 -3.40
CA PHE B 319 4.87 11.12 -4.79
C PHE B 319 6.05 10.58 -5.58
N LEU B 320 7.15 10.19 -4.93
CA LEU B 320 8.32 9.67 -5.63
C LEU B 320 8.86 8.37 -5.07
N CYS B 321 8.39 7.92 -3.90
CA CYS B 321 8.90 6.70 -3.29
C CYS B 321 7.83 5.63 -3.13
N SER B 322 6.63 5.86 -3.63
CA SER B 322 5.54 4.88 -3.57
C SER B 322 5.56 4.09 -4.88
N SER B 323 6.05 2.85 -4.83
CA SER B 323 6.18 2.03 -6.01
C SER B 323 5.18 0.88 -5.95
N PRO B 324 4.08 0.93 -6.70
CA PRO B 324 3.14 -0.19 -6.74
C PRO B 324 3.51 -1.30 -7.71
N LEU B 325 4.70 -1.25 -8.31
CA LEU B 325 5.11 -2.23 -9.31
C LEU B 325 5.84 -3.38 -8.63
N GLU B 326 5.36 -4.60 -8.87
CA GLU B 326 6.01 -5.79 -8.32
C GLU B 326 7.38 -5.98 -8.96
N ALA B 327 8.33 -6.46 -8.15
CA ALA B 327 9.70 -6.65 -8.61
C ALA B 327 9.83 -7.94 -9.42
N GLU B 328 9.13 -7.96 -10.56
CA GLU B 328 9.20 -9.09 -11.46
C GLU B 328 10.52 -9.08 -12.23
N THR B 329 11.26 -10.18 -12.15
CA THR B 329 12.57 -10.29 -12.80
C THR B 329 12.66 -11.60 -13.56
N PRO B 330 12.02 -11.67 -14.73
CA PRO B 330 12.14 -12.87 -15.56
C PRO B 330 13.56 -13.03 -16.08
N PRO B 331 14.00 -14.26 -16.36
CA PRO B 331 15.36 -14.44 -16.87
C PRO B 331 15.62 -13.73 -18.19
N ASN B 332 14.59 -13.60 -19.04
CA ASN B 332 14.77 -12.89 -20.30
C ASN B 332 14.85 -11.38 -20.11
N GLY B 333 14.44 -10.86 -18.96
CA GLY B 333 14.48 -9.45 -18.70
C GLY B 333 15.87 -8.96 -18.34
N PRO B 334 15.97 -7.65 -18.14
CA PRO B 334 17.27 -7.07 -17.76
C PRO B 334 17.74 -7.59 -16.42
N ASP B 335 19.07 -7.62 -16.25
CA ASP B 335 19.66 -8.09 -14.99
C ASP B 335 19.23 -7.23 -13.81
N CYS B 336 18.97 -5.95 -14.05
CA CYS B 336 18.51 -5.06 -12.99
C CYS B 336 17.06 -5.28 -12.60
N GLY B 337 16.30 -6.01 -13.41
CA GLY B 337 14.91 -6.28 -13.11
C GLY B 337 13.99 -5.16 -13.56
N TYR B 338 12.69 -5.46 -13.47
CA TYR B 338 11.66 -4.50 -13.84
C TYR B 338 11.15 -3.76 -12.60
N GLY B 339 10.20 -2.86 -12.80
CA GLY B 339 9.58 -2.12 -11.72
C GLY B 339 10.05 -0.68 -11.68
N SER B 340 9.65 0.00 -10.60
CA SER B 340 10.06 1.38 -10.40
C SER B 340 11.53 1.45 -9.99
N PHE B 341 12.21 2.49 -10.45
CA PHE B 341 13.62 2.67 -10.14
C PHE B 341 13.94 4.16 -10.09
N HIS B 342 15.04 4.48 -9.42
CA HIS B 342 15.57 5.84 -9.35
C HIS B 342 16.97 5.85 -9.94
N GLN B 343 17.21 6.74 -10.89
CA GLN B 343 18.53 6.99 -11.44
C GLN B 343 19.08 8.25 -10.77
N GLN B 344 20.14 8.08 -9.99
CA GLN B 344 20.78 9.18 -9.27
C GLN B 344 22.10 9.52 -9.93
N TYR B 345 22.30 10.80 -10.22
CA TYR B 345 23.52 11.28 -10.87
C TYR B 345 24.47 11.77 -9.78
N TRP B 346 25.34 10.88 -9.33
CA TRP B 346 26.31 11.21 -8.29
C TRP B 346 27.45 12.02 -8.90
N LEU B 347 27.79 13.14 -8.26
CA LEU B 347 28.89 14.00 -8.68
C LEU B 347 29.73 14.31 -7.45
N ASP B 348 30.90 13.69 -7.35
CA ASP B 348 31.81 13.87 -6.21
C ASP B 348 31.10 13.56 -4.89
N GLY B 349 30.29 12.52 -4.89
CA GLY B 349 29.56 12.12 -3.70
C GLY B 349 28.35 12.97 -3.39
N LYS B 350 27.91 13.84 -4.30
CA LYS B 350 26.77 14.71 -4.09
C LYS B 350 25.64 14.32 -5.02
N ILE B 351 24.42 14.26 -4.48
CA ILE B 351 23.24 13.92 -5.25
C ILE B 351 22.76 15.20 -5.93
N ILE B 352 23.05 15.33 -7.23
CA ILE B 352 22.71 16.54 -7.97
C ILE B 352 21.46 16.39 -8.83
N ALA B 353 21.06 15.16 -9.16
CA ALA B 353 19.88 14.95 -9.99
C ALA B 353 19.35 13.54 -9.75
N VAL B 354 18.03 13.42 -9.70
CA VAL B 354 17.36 12.13 -9.51
C VAL B 354 16.19 12.05 -10.49
N GLY B 355 16.12 10.92 -11.21
CA GLY B 355 15.00 10.65 -12.08
C GLY B 355 14.28 9.36 -11.72
N VAL B 356 12.99 9.47 -11.43
CA VAL B 356 12.16 8.32 -11.11
C VAL B 356 11.58 7.79 -12.41
N ILE B 357 11.89 6.52 -12.74
CA ILE B 357 11.49 5.90 -13.98
C ILE B 357 10.92 4.51 -13.67
N ASP B 358 10.39 3.87 -14.71
CA ASP B 358 9.86 2.52 -14.63
C ASP B 358 10.47 1.68 -15.74
N ILE B 359 10.99 0.52 -15.38
CA ILE B 359 11.54 -0.44 -16.34
C ILE B 359 10.47 -1.50 -16.58
N LEU B 360 10.02 -1.63 -17.81
CA LEU B 360 8.94 -2.51 -18.21
C LEU B 360 9.36 -3.34 -19.41
N PRO B 361 8.74 -4.52 -19.59
CA PRO B 361 9.14 -5.37 -20.73
C PRO B 361 8.97 -4.71 -22.09
N ASN B 362 7.95 -3.88 -22.27
CA ASN B 362 7.71 -3.26 -23.57
C ASN B 362 8.49 -1.96 -23.76
N CYS B 363 8.56 -1.13 -22.73
CA CYS B 363 9.21 0.17 -22.86
C CYS B 363 9.73 0.61 -21.50
N VAL B 364 10.29 1.82 -21.46
CA VAL B 364 10.79 2.43 -20.24
C VAL B 364 10.07 3.75 -20.04
N SER B 365 9.48 3.95 -18.86
CA SER B 365 8.74 5.17 -18.56
C SER B 365 9.65 6.17 -17.87
N SER B 366 9.07 7.35 -17.56
CA SER B 366 9.77 8.41 -16.85
C SER B 366 8.75 9.06 -15.90
N VAL B 367 8.73 8.60 -14.65
CA VAL B 367 7.74 9.08 -13.70
C VAL B 367 7.96 10.55 -13.38
N TYR B 368 9.20 10.93 -13.06
CA TYR B 368 9.50 12.31 -12.70
C TYR B 368 10.99 12.55 -12.80
N LEU B 369 11.38 13.81 -12.75
CA LEU B 369 12.78 14.19 -12.82
C LEU B 369 13.00 15.48 -12.04
N TYR B 370 14.10 15.54 -11.29
CA TYR B 370 14.49 16.79 -10.65
C TYR B 370 16.02 16.83 -10.55
N TYR B 371 16.55 18.03 -10.40
CA TYR B 371 17.99 18.23 -10.42
C TYR B 371 18.35 19.42 -9.53
N ASP B 372 19.65 19.59 -9.33
CA ASP B 372 20.16 20.69 -8.52
C ASP B 372 20.00 22.00 -9.27
N PRO B 373 19.27 22.99 -8.73
CA PRO B 373 19.16 24.28 -9.42
C PRO B 373 20.49 24.97 -9.64
N ASP B 374 21.45 24.80 -8.73
CA ASP B 374 22.75 25.43 -8.89
C ASP B 374 23.49 24.92 -10.12
N TYR B 375 23.13 23.73 -10.62
CA TYR B 375 23.70 23.18 -11.83
C TYR B 375 22.79 23.39 -13.05
N SER B 376 21.84 24.32 -12.96
CA SER B 376 20.97 24.63 -14.08
C SER B 376 21.76 25.17 -15.27
N PHE B 377 22.99 25.63 -15.05
CA PHE B 377 23.85 26.01 -16.16
C PHE B 377 24.11 24.84 -17.11
N LEU B 378 24.13 23.62 -16.59
CA LEU B 378 24.34 22.44 -17.43
C LEU B 378 23.07 22.00 -18.15
N SER B 379 21.90 22.52 -17.76
CA SER B 379 20.62 22.15 -18.37
C SER B 379 20.40 20.64 -18.33
N LEU B 380 20.31 20.13 -17.10
CA LEU B 380 20.17 18.69 -16.90
C LEU B 380 18.81 18.16 -17.29
N GLY B 381 17.83 19.03 -17.55
CA GLY B 381 16.50 18.56 -17.92
C GLY B 381 16.50 17.75 -19.20
N VAL B 382 17.31 18.15 -20.18
CA VAL B 382 17.42 17.41 -21.43
C VAL B 382 18.48 16.32 -21.34
N TYR B 383 19.55 16.54 -20.56
CA TYR B 383 20.59 15.53 -20.42
C TYR B 383 20.08 14.27 -19.73
N SER B 384 19.21 14.43 -18.72
CA SER B 384 18.65 13.26 -18.06
C SER B 384 17.78 12.46 -19.01
N ALA B 385 16.98 13.13 -19.84
CA ALA B 385 16.18 12.42 -20.83
C ALA B 385 17.06 11.70 -21.84
N LEU B 386 18.15 12.35 -22.28
CA LEU B 386 19.08 11.69 -23.19
C LEU B 386 19.71 10.46 -22.56
N ARG B 387 20.09 10.56 -21.28
CA ARG B 387 20.66 9.42 -20.58
C ARG B 387 19.63 8.29 -20.44
N GLU B 388 18.38 8.63 -20.18
CA GLU B 388 17.34 7.61 -20.12
C GLU B 388 17.14 6.93 -21.47
N ILE B 389 17.20 7.70 -22.56
CA ILE B 389 17.10 7.12 -23.89
C ILE B 389 18.28 6.17 -24.15
N ALA B 390 19.48 6.59 -23.75
CA ALA B 390 20.65 5.72 -23.91
C ALA B 390 20.50 4.44 -23.08
N PHE B 391 19.98 4.56 -21.86
CA PHE B 391 19.76 3.40 -21.02
C PHE B 391 18.74 2.45 -21.64
N THR B 392 17.67 3.01 -22.21
CA THR B 392 16.68 2.18 -22.90
C THR B 392 17.31 1.46 -24.10
N ARG B 393 18.13 2.16 -24.88
CA ARG B 393 18.80 1.54 -26.00
C ARG B 393 19.73 0.42 -25.53
N GLN B 394 20.45 0.64 -24.43
CA GLN B 394 21.31 -0.40 -23.88
C GLN B 394 20.49 -1.61 -23.43
N LEU B 395 19.32 -1.37 -22.80
CA LEU B 395 18.45 -2.47 -22.41
C LEU B 395 17.93 -3.23 -23.62
N HIS B 396 17.72 -2.54 -24.74
CA HIS B 396 17.23 -3.21 -25.95
C HIS B 396 18.21 -4.25 -26.49
N GLU B 397 19.50 -4.13 -26.15
CA GLU B 397 20.49 -5.05 -26.69
C GLU B 397 20.21 -6.49 -26.28
N LYS B 398 19.83 -6.70 -25.01
CA LYS B 398 19.53 -8.04 -24.54
C LYS B 398 18.05 -8.39 -24.66
N THR B 399 17.16 -7.43 -24.38
CA THR B 399 15.73 -7.64 -24.45
C THR B 399 15.21 -7.08 -25.78
N SER B 400 14.82 -7.98 -26.68
CA SER B 400 14.32 -7.54 -27.99
C SER B 400 12.97 -6.84 -27.86
N GLN B 401 12.13 -7.29 -26.92
CA GLN B 401 10.81 -6.69 -26.76
C GLN B 401 10.92 -5.24 -26.32
N LEU B 402 11.85 -4.94 -25.42
CA LEU B 402 12.05 -3.58 -24.91
C LEU B 402 12.70 -2.74 -26.01
N SER B 403 11.88 -1.99 -26.76
CA SER B 403 12.41 -1.19 -27.85
C SER B 403 11.80 0.21 -27.89
N TYR B 404 11.20 0.67 -26.79
CA TYR B 404 10.56 1.98 -26.75
C TYR B 404 10.88 2.66 -25.43
N TYR B 405 10.70 3.98 -25.42
CA TYR B 405 10.93 4.78 -24.22
C TYR B 405 9.92 5.92 -24.20
N TYR B 406 9.30 6.13 -23.05
CA TYR B 406 8.29 7.17 -22.88
C TYR B 406 8.87 8.38 -22.16
N MET B 407 8.23 9.53 -22.38
CA MET B 407 8.57 10.77 -21.70
C MET B 407 7.34 11.36 -21.01
N GLY B 408 6.53 10.50 -20.41
CA GLY B 408 5.33 10.97 -19.74
C GLY B 408 4.35 11.55 -20.73
N PHE B 409 3.87 12.76 -20.46
CA PHE B 409 2.91 13.45 -21.31
C PHE B 409 3.59 14.60 -22.05
N TYR B 410 3.07 14.90 -23.24
CA TYR B 410 3.59 15.97 -24.08
C TYR B 410 2.46 16.96 -24.34
N ILE B 411 2.61 18.17 -23.82
CA ILE B 411 1.63 19.23 -24.00
C ILE B 411 2.20 20.25 -24.98
N HIS B 412 1.53 20.40 -26.12
CA HIS B 412 1.98 21.37 -27.12
C HIS B 412 1.84 22.80 -26.62
N SER B 413 0.75 23.10 -25.91
CA SER B 413 0.52 24.46 -25.44
C SER B 413 1.57 24.87 -24.41
N CYS B 414 1.94 23.98 -23.50
CA CYS B 414 2.88 24.31 -22.45
C CYS B 414 4.30 24.20 -22.96
N PRO B 415 5.09 25.29 -22.97
CA PRO B 415 6.49 25.17 -23.40
C PRO B 415 7.32 24.24 -22.53
N LYS B 416 7.02 24.18 -21.22
CA LYS B 416 7.82 23.36 -20.32
C LYS B 416 7.79 21.88 -20.71
N MET B 417 6.63 21.40 -21.13
CA MET B 417 6.51 20.03 -21.62
C MET B 417 6.74 19.92 -23.12
N LYS B 418 7.03 21.03 -23.80
CA LYS B 418 7.24 21.01 -25.24
C LYS B 418 8.65 20.59 -25.63
N TYR B 419 9.63 20.77 -24.74
CA TYR B 419 11.00 20.44 -25.06
C TYR B 419 11.19 18.94 -25.32
N LYS B 420 10.28 18.10 -24.80
CA LYS B 420 10.34 16.68 -25.08
C LYS B 420 10.09 16.37 -26.55
N GLY B 421 9.45 17.28 -27.28
CA GLY B 421 9.22 17.07 -28.69
C GLY B 421 10.45 17.21 -29.56
N GLN B 422 11.54 17.75 -28.99
CA GLN B 422 12.79 17.88 -29.75
C GLN B 422 13.42 16.53 -30.06
N TYR B 423 13.05 15.48 -29.33
CA TYR B 423 13.57 14.15 -29.59
C TYR B 423 12.83 13.54 -30.78
N ARG B 424 13.59 13.15 -31.80
CA ARG B 424 13.04 12.51 -32.99
C ARG B 424 13.94 11.35 -33.39
N PRO B 425 13.38 10.29 -33.99
CA PRO B 425 11.96 10.08 -34.31
C PRO B 425 11.13 9.72 -33.08
N SER B 426 9.85 10.07 -33.07
CA SER B 426 8.98 9.79 -31.93
C SER B 426 7.54 9.70 -32.41
N ASP B 427 6.69 9.14 -31.55
CA ASP B 427 5.30 8.90 -31.88
C ASP B 427 4.40 9.43 -30.77
N LEU B 428 3.15 9.70 -31.15
CA LEU B 428 2.11 10.13 -30.22
C LEU B 428 0.97 9.12 -30.24
N LEU B 429 0.24 9.06 -29.12
CA LEU B 429 -0.82 8.09 -28.94
C LEU B 429 -2.18 8.76 -29.18
N CYS B 430 -2.96 8.18 -30.09
CA CYS B 430 -4.28 8.73 -30.39
C CYS B 430 -5.26 8.40 -29.27
N PRO B 431 -5.91 9.40 -28.67
CA PRO B 431 -6.85 9.10 -27.57
C PRO B 431 -8.01 8.22 -27.99
N GLU B 432 -8.51 8.37 -29.22
CA GLU B 432 -9.66 7.61 -29.68
C GLU B 432 -9.30 6.32 -30.40
N THR B 433 -8.01 6.06 -30.61
CA THR B 433 -7.57 4.85 -31.31
C THR B 433 -6.50 4.07 -30.57
N TYR B 434 -5.75 4.70 -29.66
CA TYR B 434 -4.68 4.03 -28.91
C TYR B 434 -3.64 3.41 -29.84
N VAL B 435 -3.34 4.09 -30.94
CA VAL B 435 -2.32 3.65 -31.89
C VAL B 435 -1.27 4.75 -32.00
N TRP B 436 -0.03 4.35 -32.22
CA TRP B 436 1.09 5.28 -32.29
C TRP B 436 1.23 5.84 -33.70
N VAL B 437 1.28 7.15 -33.81
CA VAL B 437 1.40 7.83 -35.09
C VAL B 437 2.59 8.78 -35.04
N PRO B 438 3.35 8.94 -36.13
CA PRO B 438 4.55 9.77 -36.08
C PRO B 438 4.23 11.24 -35.77
N ILE B 439 5.16 11.88 -35.06
CA ILE B 439 5.02 13.29 -34.73
C ILE B 439 5.05 14.15 -36.00
N GLU B 440 5.74 13.67 -37.03
CA GLU B 440 5.76 14.41 -38.30
C GLU B 440 4.37 14.54 -38.89
N GLN B 441 3.49 13.57 -38.62
CA GLN B 441 2.11 13.61 -39.08
C GLN B 441 1.15 14.23 -38.08
N CYS B 442 1.64 14.65 -36.91
CA CYS B 442 0.79 15.22 -35.87
C CYS B 442 1.12 16.67 -35.55
N LEU B 443 2.32 17.15 -35.87
CA LEU B 443 2.68 18.53 -35.58
C LEU B 443 1.78 19.53 -36.31
N PRO B 444 1.49 19.38 -37.62
CA PRO B 444 0.50 20.28 -38.22
C PRO B 444 -0.93 19.82 -37.98
N SER B 445 -1.25 19.47 -36.75
CA SER B 445 -2.61 19.18 -36.32
C SER B 445 -2.97 19.91 -35.03
N LEU B 446 -2.03 20.03 -34.10
CA LEU B 446 -2.28 20.73 -32.85
C LEU B 446 -2.21 22.25 -33.00
N GLU B 447 -1.70 22.76 -34.13
CA GLU B 447 -1.67 24.20 -34.34
C GLU B 447 -3.05 24.77 -34.61
N ASN B 448 -4.01 23.94 -34.98
CA ASN B 448 -5.37 24.39 -35.27
C ASN B 448 -6.36 24.10 -34.15
N SER B 449 -6.12 23.07 -33.35
CA SER B 449 -7.00 22.72 -32.25
C SER B 449 -6.21 21.92 -31.23
N LYS B 450 -6.83 21.66 -30.08
CA LYS B 450 -6.18 20.92 -29.00
C LYS B 450 -6.61 19.47 -28.89
N TYR B 451 -7.73 19.10 -29.50
CA TYR B 451 -8.23 17.72 -29.46
C TYR B 451 -8.69 17.34 -30.86
N CYS B 452 -7.99 16.41 -31.49
CA CYS B 452 -8.31 15.97 -32.84
C CYS B 452 -7.99 14.49 -32.96
N ARG B 453 -8.54 13.87 -34.01
CA ARG B 453 -8.30 12.46 -34.30
C ARG B 453 -6.88 12.30 -34.85
N PHE B 454 -6.02 11.63 -34.09
CA PHE B 454 -4.66 11.34 -34.53
C PHE B 454 -4.57 9.99 -35.23
N ASN B 455 -5.43 9.80 -36.24
CA ASN B 455 -5.46 8.57 -37.02
C ASN B 455 -5.99 8.89 -38.40
N GLN B 456 -5.31 8.38 -39.42
CA GLN B 456 -5.69 8.64 -40.81
C GLN B 456 -6.79 7.71 -41.30
N ASP B 457 -7.22 6.75 -40.49
CA ASP B 457 -8.29 5.83 -40.89
C ASP B 457 -9.52 6.08 -40.03
N PRO B 458 -10.53 6.78 -40.52
CA PRO B 458 -11.76 6.96 -39.73
C PRO B 458 -12.44 5.65 -39.37
N GLU B 459 -12.39 4.66 -40.26
CA GLU B 459 -12.99 3.35 -40.00
C GLU B 459 -11.99 2.43 -39.30
N ALA B 460 -11.56 2.86 -38.12
CA ALA B 460 -10.61 2.09 -37.32
C ALA B 460 -10.91 2.31 -35.85
N VAL B 461 -10.91 1.21 -35.08
CA VAL B 461 -11.14 1.25 -33.65
C VAL B 461 -10.07 0.41 -32.95
N ASP B 462 -9.91 0.65 -31.66
CA ASP B 462 -8.92 -0.09 -30.88
C ASP B 462 -9.33 -1.55 -30.80
N GLU B 463 -8.36 -2.44 -31.01
CA GLU B 463 -8.60 -3.88 -30.94
C GLU B 463 -8.54 -4.41 -29.52
N ASP B 464 -8.11 -3.61 -28.55
CA ASP B 464 -8.02 -4.02 -27.16
C ASP B 464 -9.10 -3.37 -26.30
N ARG B 465 -10.19 -2.93 -26.91
CA ARG B 465 -11.26 -2.27 -26.16
C ARG B 465 -12.03 -3.29 -25.33
N SER B 466 -13.01 -2.81 -24.59
CA SER B 466 -13.83 -3.67 -23.73
C SER B 466 -14.83 -4.43 -24.60
N THR B 467 -14.73 -5.76 -24.60
CA THR B 467 -15.61 -6.62 -25.38
C THR B 467 -16.57 -7.42 -24.50
N GLU B 468 -16.05 -8.14 -23.51
CA GLU B 468 -16.86 -8.93 -22.59
C GLU B 468 -16.57 -8.47 -21.17
N PRO B 469 -17.34 -7.53 -20.63
CA PRO B 469 -17.10 -7.08 -19.25
C PRO B 469 -17.30 -8.16 -18.21
N ASP B 470 -18.02 -9.24 -18.54
CA ASP B 470 -18.28 -10.30 -17.57
C ASP B 470 -17.02 -11.02 -17.13
N ARG B 471 -15.94 -10.93 -17.91
CA ARG B 471 -14.68 -11.56 -17.56
C ARG B 471 -13.81 -10.69 -16.67
N LEU B 472 -14.39 -9.67 -16.04
CA LEU B 472 -13.65 -8.81 -15.12
C LEU B 472 -13.49 -9.54 -13.78
N GLN B 473 -12.26 -9.60 -13.29
CA GLN B 473 -11.96 -10.29 -12.05
C GLN B 473 -12.20 -9.37 -10.86
N VAL B 474 -12.97 -9.84 -9.89
CA VAL B 474 -13.31 -9.09 -8.69
C VAL B 474 -12.90 -9.91 -7.48
N PHE B 475 -12.18 -9.28 -6.55
CA PHE B 475 -11.80 -9.90 -5.28
C PHE B 475 -12.85 -9.53 -4.26
N HIS B 476 -13.92 -10.33 -4.19
CA HIS B 476 -15.05 -10.06 -3.32
C HIS B 476 -15.31 -11.24 -2.40
N LYS B 477 -15.61 -10.94 -1.14
CA LYS B 477 -15.90 -11.95 -0.12
C LYS B 477 -14.79 -12.99 -0.05
N ARG B 478 -13.55 -12.52 -0.13
CA ARG B 478 -12.37 -13.38 -0.13
C ARG B 478 -12.46 -14.42 -1.24
N ALA B 479 -12.78 -13.96 -2.44
CA ALA B 479 -12.90 -14.85 -3.59
C ALA B 479 -12.64 -14.08 -4.87
N ILE B 480 -11.77 -14.62 -5.73
CA ILE B 480 -11.53 -14.06 -7.05
C ILE B 480 -12.58 -14.64 -7.99
N MET B 481 -13.49 -13.80 -8.46
CA MET B 481 -14.63 -14.27 -9.23
C MET B 481 -14.82 -13.44 -10.49
N PRO B 482 -15.43 -14.01 -11.52
CA PRO B 482 -15.78 -13.22 -12.70
C PRO B 482 -16.83 -12.18 -12.38
N TYR B 483 -16.90 -11.15 -13.22
CA TYR B 483 -17.83 -10.06 -13.00
C TYR B 483 -19.28 -10.50 -13.04
N GLY B 484 -19.58 -11.60 -13.73
CA GLY B 484 -20.97 -12.02 -13.85
C GLY B 484 -21.57 -12.42 -12.51
N VAL B 485 -20.89 -13.29 -11.78
CA VAL B 485 -21.41 -13.73 -10.49
C VAL B 485 -21.41 -12.58 -9.48
N TYR B 486 -20.40 -11.71 -9.55
CA TYR B 486 -20.36 -10.56 -8.66
C TYR B 486 -21.55 -9.63 -8.92
N LYS B 487 -21.89 -9.40 -10.19
CA LYS B 487 -23.05 -8.60 -10.52
C LYS B 487 -24.34 -9.28 -10.09
N LYS B 488 -24.39 -10.62 -10.22
CA LYS B 488 -25.56 -11.36 -9.75
C LYS B 488 -25.76 -11.20 -8.25
N GLN B 489 -24.65 -11.23 -7.48
CA GLN B 489 -24.76 -11.02 -6.04
C GLN B 489 -25.28 -9.63 -5.71
N GLN B 490 -24.80 -8.62 -6.43
CA GLN B 490 -25.27 -7.26 -6.21
C GLN B 490 -26.65 -7.06 -6.82
N LYS B 491 -27.28 -5.96 -6.46
CA LYS B 491 -28.62 -5.67 -6.95
C LYS B 491 -28.73 -4.31 -7.64
N ASP B 492 -28.07 -3.28 -7.11
CA ASP B 492 -28.16 -1.95 -7.67
C ASP B 492 -27.24 -1.82 -8.88
N PRO B 493 -27.75 -1.48 -10.07
CA PRO B 493 -26.88 -1.33 -11.24
C PRO B 493 -26.30 0.06 -11.44
N SER B 494 -26.62 1.02 -10.58
CA SER B 494 -26.16 2.39 -10.78
C SER B 494 -24.65 2.48 -10.65
N GLU B 495 -24.08 1.88 -9.60
CA GLU B 495 -22.64 1.95 -9.40
C GLU B 495 -21.86 1.04 -10.33
N GLU B 496 -22.54 0.15 -11.06
CA GLU B 496 -21.84 -0.71 -12.01
C GLU B 496 -21.28 0.07 -13.19
N ALA B 497 -21.75 1.29 -13.41
CA ALA B 497 -21.20 2.11 -14.50
C ALA B 497 -19.74 2.43 -14.26
N ALA B 498 -19.36 2.70 -13.00
CA ALA B 498 -17.97 2.97 -12.69
C ALA B 498 -17.08 1.78 -13.02
N VAL B 499 -17.54 0.57 -12.69
CA VAL B 499 -16.79 -0.63 -13.06
C VAL B 499 -16.72 -0.77 -14.58
N LEU B 500 -17.83 -0.48 -15.26
CA LEU B 500 -17.83 -0.52 -16.72
C LEU B 500 -16.86 0.51 -17.31
N GLN B 501 -16.83 1.71 -16.75
CA GLN B 501 -15.89 2.73 -17.22
C GLN B 501 -14.45 2.28 -16.99
N TYR B 502 -14.17 1.69 -15.82
CA TYR B 502 -12.83 1.20 -15.53
C TYR B 502 -12.43 0.12 -16.52
N ALA B 503 -13.34 -0.82 -16.81
CA ALA B 503 -13.04 -1.89 -17.76
C ALA B 503 -12.79 -1.32 -19.16
N SER B 504 -13.60 -0.34 -19.57
CA SER B 504 -13.40 0.26 -20.88
C SER B 504 -12.07 1.00 -20.96
N LEU B 505 -11.69 1.71 -19.90
CA LEU B 505 -10.43 2.44 -19.90
C LEU B 505 -9.23 1.49 -19.92
N VAL B 506 -9.30 0.41 -19.15
CA VAL B 506 -8.16 -0.51 -19.11
C VAL B 506 -8.20 -1.53 -20.24
N GLY B 507 -9.35 -1.74 -20.86
CA GLY B 507 -9.47 -2.69 -21.95
C GLY B 507 -9.78 -4.10 -21.46
N GLN B 508 -10.20 -4.94 -22.41
CA GLN B 508 -10.55 -6.31 -22.10
C GLN B 508 -9.34 -7.11 -21.63
N LYS B 509 -8.19 -6.91 -22.27
CA LYS B 509 -7.00 -7.69 -21.94
C LYS B 509 -6.54 -7.42 -20.52
N CYS B 510 -6.51 -6.14 -20.11
CA CYS B 510 -6.09 -5.81 -18.75
C CYS B 510 -7.14 -6.19 -17.72
N SER B 511 -8.42 -6.13 -18.10
CA SER B 511 -9.49 -6.45 -17.16
C SER B 511 -9.41 -7.88 -16.67
N GLU B 512 -9.11 -8.82 -17.57
CA GLU B 512 -9.08 -10.23 -17.22
C GLU B 512 -7.90 -10.58 -16.32
N ARG B 513 -6.84 -9.77 -16.32
CA ARG B 513 -5.64 -10.05 -15.54
C ARG B 513 -5.51 -9.13 -14.33
N MET B 514 -6.55 -8.38 -13.98
CA MET B 514 -6.51 -7.42 -12.89
C MET B 514 -7.69 -7.65 -11.96
N LEU B 515 -7.47 -7.42 -10.67
CA LEU B 515 -8.48 -7.67 -9.64
C LEU B 515 -8.97 -6.34 -9.09
N LEU B 516 -10.27 -6.10 -9.21
CA LEU B 516 -10.89 -4.89 -8.67
C LEU B 516 -11.18 -5.12 -7.19
N PHE B 517 -10.39 -4.48 -6.32
CA PHE B 517 -10.53 -4.66 -4.87
C PHE B 517 -11.68 -3.78 -4.38
N ARG B 518 -12.89 -4.31 -4.48
CA ARG B 518 -14.10 -3.64 -4.02
C ARG B 518 -14.94 -4.58 -3.19
N ASN B 519 -14.32 -5.25 -2.22
CA ASN B 519 -15.02 -6.17 -1.34
C ASN B 519 -15.60 -5.45 -0.14
#